data_6SCF
#
_entry.id   6SCF
#
_cell.length_a   49.829
_cell.length_b   51.727
_cell.length_c   85.611
_cell.angle_alpha   80.220
_cell.angle_beta   89.680
_cell.angle_gamma   83.380
#
_symmetry.space_group_name_H-M   'P 1'
#
loop_
_entity.id
_entity.type
_entity.pdbx_description
1 polymer 'Uncharacterized protein'
2 polymer 'cyclic oligoadenylate'
3 water water
#
loop_
_entity_poly.entity_id
_entity_poly.type
_entity_poly.pdbx_seq_one_letter_code
_entity_poly.pdbx_strand_id
1 'polypeptide(L)'
;MSYYHHHHHHDYDIPTTENLYFQGMNKVYLANAFSINMLTKFPTKVVIDKIDRLEFCENIDNEDIINSIGADSTIQLINS
LCGTTFQKNRVEIKLEKEDKLYVVQISQRLEEGKILTLEEILKLYESGKVQFFEIIVD
;
A,B,C,D,E,F,G,H
2 'polyribonucleotide' AAAA K,I,L,M
#
# COMPACT_ATOMS: atom_id res chain seq x y z
N ASN A 26 -10.25 20.25 -8.68
CA ASN A 26 -9.02 19.72 -7.97
C ASN A 26 -8.26 18.84 -8.96
N LYS A 27 -7.04 19.21 -9.26
CA LYS A 27 -6.19 18.48 -10.19
C LYS A 27 -5.13 17.70 -9.43
N VAL A 28 -4.60 16.67 -10.08
CA VAL A 28 -3.54 15.88 -9.53
C VAL A 28 -2.40 15.81 -10.51
N TYR A 29 -1.20 16.05 -10.04
CA TYR A 29 -0.01 16.15 -10.86
C TYR A 29 1.04 15.13 -10.44
N LEU A 30 1.92 14.83 -11.37
CA LEU A 30 3.08 14.00 -11.13
C LEU A 30 4.31 14.80 -11.58
N ALA A 31 5.35 14.81 -10.74
CA ALA A 31 6.56 15.57 -11.03
C ALA A 31 7.77 14.87 -10.50
N ASN A 32 8.96 15.34 -10.93
CA ASN A 32 10.20 14.77 -10.44
C ASN A 32 10.91 15.64 -9.45
N ALA A 33 10.20 16.63 -8.92
CA ALA A 33 10.67 17.48 -7.82
C ALA A 33 9.52 18.34 -7.35
N PHE A 34 9.67 18.97 -6.19
CA PHE A 34 8.82 20.11 -5.86
C PHE A 34 9.61 21.40 -6.00
N SER A 35 9.06 22.36 -6.72
CA SER A 35 9.70 23.63 -6.94
C SER A 35 8.77 24.78 -6.56
N ILE A 36 9.36 25.85 -6.03
CA ILE A 36 8.59 27.07 -5.78
C ILE A 36 7.97 27.58 -7.08
N ASN A 37 8.62 27.32 -8.22
CA ASN A 37 8.08 27.73 -9.51
C ASN A 37 6.79 27.02 -9.90
N MET A 38 6.36 26.04 -9.14
CA MET A 38 5.04 25.45 -9.32
C MET A 38 3.92 26.26 -8.69
N LEU A 39 4.24 27.20 -7.84
CA LEU A 39 3.23 27.95 -7.08
C LEU A 39 2.86 29.25 -7.80
N THR A 40 1.63 29.69 -7.61
CA THR A 40 1.08 30.83 -8.34
C THR A 40 0.74 32.05 -7.48
N LYS A 41 0.57 31.84 -6.18
CA LYS A 41 0.05 32.88 -5.28
C LYS A 41 0.81 32.82 -3.98
N PHE A 42 1.12 33.96 -3.40
CA PHE A 42 1.90 34.04 -2.17
C PHE A 42 1.27 35.08 -1.25
N PRO A 43 1.33 34.89 0.06
CA PRO A 43 1.91 33.70 0.70
C PRO A 43 1.03 32.45 0.51
N THR A 44 1.67 31.30 0.58
CA THR A 44 0.96 30.05 0.48
C THR A 44 1.57 28.99 1.36
N LYS A 45 0.89 27.90 1.64
CA LYS A 45 1.40 26.80 2.37
C LYS A 45 1.34 25.59 1.44
N VAL A 46 2.26 24.65 1.63
CA VAL A 46 2.06 23.31 1.16
C VAL A 46 2.35 22.36 2.30
N VAL A 47 1.70 21.21 2.27
CA VAL A 47 1.98 20.16 3.20
C VAL A 47 2.58 19.01 2.44
N ILE A 48 3.69 18.48 2.89
CA ILE A 48 4.43 17.43 2.20
C ILE A 48 4.51 16.21 3.10
N ASP A 49 4.13 15.06 2.54
CA ASP A 49 4.22 13.79 3.27
C ASP A 49 4.98 12.77 2.43
N LYS A 50 5.62 11.83 3.08
CA LYS A 50 6.38 10.77 2.44
C LYS A 50 5.48 9.56 2.29
N ILE A 51 5.51 8.94 1.13
CA ILE A 51 4.75 7.71 0.87
C ILE A 51 5.69 6.63 0.34
N ASP A 52 5.32 5.39 0.35
CA ASP A 52 6.17 4.32 -0.18
C ASP A 52 5.86 4.06 -1.66
N ARG A 53 6.64 3.17 -2.26
CA ARG A 53 6.49 2.88 -3.67
C ARG A 53 5.10 2.40 -4.01
N LEU A 54 4.56 1.51 -3.19
CA LEU A 54 3.25 0.97 -3.51
C LEU A 54 2.18 2.05 -3.53
N GLU A 55 2.17 2.91 -2.52
CA GLU A 55 1.22 4.00 -2.45
C GLU A 55 1.37 4.94 -3.63
N PHE A 56 2.62 5.26 -3.96
CA PHE A 56 2.91 6.12 -5.10
C PHE A 56 2.35 5.50 -6.36
N CYS A 57 2.71 4.26 -6.63
CA CYS A 57 2.27 3.62 -7.85
C CYS A 57 0.76 3.54 -7.94
N GLU A 58 0.10 3.20 -6.85
CA GLU A 58 -1.35 3.10 -6.87
C GLU A 58 -2.03 4.43 -7.18
N ASN A 59 -1.47 5.51 -6.66
CA ASN A 59 -2.06 6.84 -6.82
C ASN A 59 -1.76 7.48 -8.17
N ILE A 60 -0.66 7.10 -8.80
CA ILE A 60 -0.34 7.68 -10.12
C ILE A 60 -0.81 6.81 -11.29
N ASP A 61 -1.17 5.57 -11.00
CA ASP A 61 -1.70 4.69 -12.02
C ASP A 61 -3.18 4.98 -12.13
N ASN A 62 -3.45 6.20 -12.61
CA ASN A 62 -4.79 6.77 -12.63
C ASN A 62 -4.80 7.68 -13.86
N GLU A 63 -5.99 7.78 -14.44
CA GLU A 63 -6.14 8.38 -15.75
C GLU A 63 -6.17 9.93 -15.69
N ASP A 64 -6.42 10.48 -14.49
CA ASP A 64 -6.61 11.90 -14.30
C ASP A 64 -5.27 12.66 -14.11
N ILE A 65 -4.23 11.97 -13.72
CA ILE A 65 -3.02 12.59 -13.35
C ILE A 65 -2.34 13.31 -14.52
N ILE A 66 -1.78 14.46 -14.19
CA ILE A 66 -1.11 15.33 -15.17
C ILE A 66 0.40 15.13 -14.99
N ASN A 67 1.03 14.53 -15.99
CA ASN A 67 2.45 14.17 -15.88
C ASN A 67 3.36 15.30 -16.32
N SER A 68 4.31 15.66 -15.47
CA SER A 68 5.36 16.63 -15.82
C SER A 68 6.76 16.07 -15.67
N ILE A 69 6.90 14.75 -15.53
CA ILE A 69 8.24 14.17 -15.38
C ILE A 69 9.10 14.52 -16.57
N GLY A 70 10.29 15.06 -16.29
CA GLY A 70 11.09 15.72 -17.34
C GLY A 70 12.44 15.12 -17.62
N ALA A 71 12.58 13.83 -17.34
CA ALA A 71 13.83 13.08 -17.63
C ALA A 71 13.43 11.67 -18.05
N ASP A 72 14.12 11.16 -19.08
CA ASP A 72 13.78 9.86 -19.63
C ASP A 72 13.99 8.71 -18.63
N SER A 73 15.09 8.72 -17.87
CA SER A 73 15.36 7.61 -16.99
C SER A 73 14.32 7.52 -15.89
N THR A 74 13.78 8.66 -15.46
CA THR A 74 12.79 8.67 -14.42
C THR A 74 11.47 8.07 -14.94
N ILE A 75 11.10 8.39 -16.17
CA ILE A 75 9.98 7.78 -16.83
C ILE A 75 10.15 6.26 -16.89
N GLN A 76 11.33 5.81 -17.30
CA GLN A 76 11.57 4.37 -17.44
C GLN A 76 11.48 3.70 -16.07
N LEU A 77 12.03 4.33 -15.05
CA LEU A 77 11.99 3.79 -13.70
C LEU A 77 10.56 3.67 -13.19
N ILE A 78 9.76 4.74 -13.29
CA ILE A 78 8.40 4.66 -12.73
C ILE A 78 7.54 3.70 -13.54
N ASN A 79 7.72 3.62 -14.84
CA ASN A 79 6.96 2.68 -15.65
C ASN A 79 7.27 1.25 -15.25
N SER A 80 8.54 0.98 -14.96
CA SER A 80 8.96 -0.33 -14.50
C SER A 80 8.42 -0.64 -13.10
N LEU A 81 8.46 0.34 -12.19
CA LEU A 81 7.97 0.13 -10.83
C LEU A 81 6.46 -0.03 -10.75
N CYS A 82 5.74 0.72 -11.58
CA CYS A 82 4.31 0.89 -11.44
C CYS A 82 3.47 0.24 -12.52
N GLY A 83 4.11 -0.23 -13.60
CA GLY A 83 3.40 -0.82 -14.74
C GLY A 83 2.65 0.22 -15.56
N THR A 84 3.10 1.47 -15.50
CA THR A 84 2.44 2.58 -16.18
C THR A 84 3.06 2.79 -17.56
N THR A 85 2.48 3.72 -18.32
CA THR A 85 2.96 4.03 -19.66
C THR A 85 3.15 5.53 -19.89
N PHE A 86 3.71 6.21 -18.90
CA PHE A 86 4.01 7.64 -19.06
C PHE A 86 5.07 7.83 -20.12
N GLN A 87 5.06 9.02 -20.74
CA GLN A 87 6.18 9.45 -21.56
C GLN A 87 6.72 10.74 -20.99
N LYS A 88 7.99 11.03 -21.30
CA LYS A 88 8.58 12.28 -20.83
C LYS A 88 7.71 13.46 -21.27
N ASN A 89 7.46 14.37 -20.33
CA ASN A 89 6.69 15.56 -20.62
C ASN A 89 7.21 16.70 -19.77
N ARG A 90 8.33 17.27 -20.22
CA ARG A 90 9.03 18.30 -19.48
C ARG A 90 8.35 19.64 -19.67
N VAL A 91 7.31 19.86 -18.87
CA VAL A 91 6.49 21.07 -18.95
C VAL A 91 6.45 21.76 -17.58
N GLU A 92 5.99 23.00 -17.59
CA GLU A 92 5.73 23.74 -16.37
C GLU A 92 4.34 23.46 -15.88
N ILE A 93 4.23 23.07 -14.61
CA ILE A 93 2.93 23.00 -13.97
C ILE A 93 2.79 24.17 -13.00
N LYS A 94 1.54 24.60 -12.83
CA LYS A 94 1.24 25.68 -11.92
C LYS A 94 0.07 25.23 -11.05
N LEU A 95 0.34 25.06 -9.79
CA LEU A 95 -0.59 24.48 -8.82
C LEU A 95 -1.47 25.53 -8.20
N GLU A 96 -2.73 25.20 -8.02
CA GLU A 96 -3.69 26.04 -7.36
C GLU A 96 -4.15 25.38 -6.04
N LYS A 97 -4.88 26.14 -5.25
CA LYS A 97 -5.38 25.67 -3.97
C LYS A 97 -6.12 24.33 -4.15
N GLU A 98 -5.80 23.39 -3.27
CA GLU A 98 -6.38 22.05 -3.23
C GLU A 98 -5.90 21.09 -4.30
N ASP A 99 -4.94 21.52 -5.13
CA ASP A 99 -4.30 20.60 -6.05
C ASP A 99 -3.40 19.66 -5.24
N LYS A 100 -3.14 18.49 -5.81
CA LYS A 100 -2.28 17.49 -5.22
C LYS A 100 -1.17 17.17 -6.20
N LEU A 101 -0.01 16.87 -5.65
CA LEU A 101 1.17 16.56 -6.42
C LEU A 101 1.87 15.34 -5.86
N TYR A 102 2.17 14.39 -6.73
CA TYR A 102 3.00 13.25 -6.40
C TYR A 102 4.37 13.47 -6.99
N VAL A 103 5.39 13.23 -6.17
CA VAL A 103 6.77 13.44 -6.58
C VAL A 103 7.62 12.18 -6.45
N VAL A 104 8.37 11.85 -7.47
CA VAL A 104 9.42 10.86 -7.38
C VAL A 104 10.71 11.66 -7.44
N GLN A 105 11.54 11.51 -6.41
CA GLN A 105 12.80 12.17 -6.56
C GLN A 105 13.99 11.51 -5.92
N ILE A 106 15.14 12.14 -6.18
CA ILE A 106 16.40 11.64 -5.64
C ILE A 106 16.63 12.28 -4.30
N SER A 107 17.09 11.47 -3.34
CA SER A 107 17.25 11.92 -1.98
C SER A 107 18.64 12.44 -1.65
N GLN A 108 19.34 12.94 -2.64
CA GLN A 108 20.71 13.35 -2.48
C GLN A 108 20.94 14.52 -3.41
N ARG A 109 21.79 15.46 -3.01
CA ARG A 109 22.20 16.50 -3.93
C ARG A 109 23.26 15.91 -4.85
N LEU A 110 23.12 16.16 -6.13
CA LEU A 110 23.96 15.60 -7.18
C LEU A 110 24.92 16.67 -7.70
N GLU A 111 25.87 16.24 -8.52
CA GLU A 111 26.76 17.18 -9.16
C GLU A 111 25.95 18.13 -10.05
N GLU A 112 26.46 19.33 -10.25
CA GLU A 112 25.77 20.32 -11.08
C GLU A 112 25.39 19.74 -12.44
N GLY A 113 24.13 19.94 -12.81
CA GLY A 113 23.64 19.57 -14.12
C GLY A 113 23.46 18.08 -14.35
N LYS A 114 23.59 17.28 -13.30
CA LYS A 114 23.50 15.81 -13.45
C LYS A 114 22.16 15.37 -14.01
N ILE A 115 22.21 14.55 -15.07
CA ILE A 115 21.02 13.93 -15.61
C ILE A 115 21.32 12.42 -15.48
N LEU A 116 20.56 11.78 -14.60
CA LEU A 116 20.81 10.36 -14.33
C LEU A 116 20.38 9.46 -15.48
N THR A 117 21.22 8.48 -15.77
CA THR A 117 20.88 7.41 -16.70
C THR A 117 20.00 6.39 -16.02
N LEU A 118 19.45 5.45 -16.79
CA LEU A 118 18.62 4.40 -16.21
C LEU A 118 19.41 3.57 -15.21
N GLU A 119 20.64 3.17 -15.58
CA GLU A 119 21.45 2.39 -14.66
C GLU A 119 21.68 3.14 -13.36
N GLU A 120 21.99 4.43 -13.48
CA GLU A 120 22.26 5.23 -12.29
C GLU A 120 21.04 5.36 -11.39
N ILE A 121 19.88 5.64 -11.98
CA ILE A 121 18.70 5.85 -11.15
C ILE A 121 18.20 4.54 -10.57
N LEU A 122 18.38 3.42 -11.28
CA LEU A 122 18.01 2.13 -10.70
C LEU A 122 18.89 1.79 -9.50
N LYS A 123 20.19 2.08 -9.61
CA LYS A 123 21.10 1.84 -8.49
C LYS A 123 20.70 2.69 -7.28
N LEU A 124 20.36 3.95 -7.53
CA LEU A 124 19.89 4.81 -6.46
C LEU A 124 18.60 4.26 -5.87
N TYR A 125 17.67 3.83 -6.71
CA TYR A 125 16.41 3.25 -6.21
C TYR A 125 16.69 2.06 -5.30
N GLU A 126 17.55 1.15 -5.74
CA GLU A 126 17.84 -0.04 -4.96
C GLU A 126 18.59 0.30 -3.68
N SER A 127 19.24 1.47 -3.60
CA SER A 127 19.92 1.85 -2.37
C SER A 127 19.11 2.77 -1.45
N GLY A 128 17.82 2.93 -1.72
CA GLY A 128 16.95 3.72 -0.85
C GLY A 128 17.01 5.22 -1.12
N LYS A 129 17.62 5.62 -2.24
CA LYS A 129 17.80 7.03 -2.55
C LYS A 129 16.85 7.60 -3.59
N VAL A 130 15.80 6.83 -3.93
CA VAL A 130 14.70 7.35 -4.73
C VAL A 130 13.48 7.26 -3.82
N GLN A 131 12.92 8.43 -3.53
CA GLN A 131 11.84 8.52 -2.57
C GLN A 131 10.61 9.16 -3.19
N PHE A 132 9.47 8.95 -2.56
CA PHE A 132 8.18 9.31 -3.08
C PHE A 132 7.42 10.18 -2.09
N PHE A 133 6.73 11.20 -2.63
CA PHE A 133 6.05 12.17 -1.78
C PHE A 133 4.71 12.57 -2.31
N GLU A 134 3.84 12.98 -1.40
CA GLU A 134 2.54 13.52 -1.74
C GLU A 134 2.47 14.92 -1.16
N ILE A 135 2.04 15.87 -1.96
CA ILE A 135 2.00 17.28 -1.58
C ILE A 135 0.62 17.83 -1.82
N ILE A 136 0.10 18.53 -0.82
CA ILE A 136 -1.20 19.17 -0.89
C ILE A 136 -0.96 20.67 -0.78
N VAL A 137 -1.54 21.41 -1.69
CA VAL A 137 -1.22 22.82 -1.89
C VAL A 137 -2.32 23.61 -1.23
N ASP A 138 -1.95 24.48 -0.31
CA ASP A 138 -2.88 25.35 0.40
C ASP A 138 -4.14 24.60 0.88
N ASN B 26 -9.97 4.67 32.09
CA ASN B 26 -8.51 4.86 31.87
C ASN B 26 -7.81 3.94 30.86
N LYS B 27 -6.57 4.28 30.55
CA LYS B 27 -5.75 3.53 29.62
C LYS B 27 -4.71 2.71 30.35
N VAL B 28 -4.18 1.69 29.70
CA VAL B 28 -3.17 0.85 30.27
C VAL B 28 -2.04 0.69 29.26
N TYR B 29 -0.82 0.91 29.71
CA TYR B 29 0.33 0.99 28.85
C TYR B 29 1.39 -0.03 29.24
N LEU B 30 2.25 -0.33 28.28
CA LEU B 30 3.43 -1.17 28.49
C LEU B 30 4.64 -0.38 28.00
N ALA B 31 5.71 -0.37 28.78
CA ALA B 31 6.92 0.41 28.44
C ALA B 31 8.15 -0.27 28.95
N ASN B 32 9.32 0.20 28.49
CA ASN B 32 10.59 -0.40 28.94
C ASN B 32 11.32 0.49 29.91
N ALA B 33 10.61 1.47 30.46
CA ALA B 33 11.14 2.33 31.54
C ALA B 33 10.00 3.18 32.03
N PHE B 34 10.20 3.82 33.18
CA PHE B 34 9.35 4.94 33.54
C PHE B 34 10.13 6.22 33.38
N SER B 35 9.54 7.18 32.68
CA SER B 35 10.18 8.46 32.44
C SER B 35 9.28 9.60 32.88
N ILE B 36 9.87 10.66 33.37
CA ILE B 36 9.13 11.87 33.68
C ILE B 36 8.44 12.40 32.42
N ASN B 37 9.04 12.15 31.24
CA ASN B 37 8.43 12.59 29.98
C ASN B 37 7.15 11.86 29.63
N MET B 38 6.77 10.86 30.40
CA MET B 38 5.44 10.27 30.26
C MET B 38 4.34 11.06 30.96
N LEU B 39 4.70 11.99 31.82
CA LEU B 39 3.71 12.73 32.61
C LEU B 39 3.31 14.04 31.92
N THR B 40 2.09 14.49 32.17
CA THR B 40 1.54 15.65 31.47
C THR B 40 1.21 16.83 32.38
N LYS B 41 1.02 16.56 33.68
CA LYS B 41 0.53 17.59 34.61
C LYS B 41 1.33 17.50 35.89
N PHE B 42 1.65 18.66 36.47
CA PHE B 42 2.47 18.75 37.65
C PHE B 42 1.89 19.77 38.60
N PRO B 43 2.02 19.57 39.91
CA PRO B 43 2.64 18.37 40.50
C PRO B 43 1.77 17.12 40.36
N THR B 44 2.42 15.98 40.40
CA THR B 44 1.70 14.71 40.30
C THR B 44 2.41 13.67 41.16
N LYS B 45 1.73 12.59 41.49
CA LYS B 45 2.29 11.48 42.19
C LYS B 45 2.19 10.28 41.28
N VAL B 46 3.13 9.36 41.40
CA VAL B 46 2.96 8.02 40.91
C VAL B 46 3.25 7.07 42.05
N VAL B 47 2.56 5.94 42.02
CA VAL B 47 2.85 4.87 42.94
C VAL B 47 3.41 3.71 42.11
N ILE B 48 4.55 3.20 42.56
CA ILE B 48 5.28 2.17 41.83
C ILE B 48 5.37 0.93 42.69
N ASP B 49 4.96 -0.20 42.12
CA ASP B 49 5.08 -1.48 42.82
C ASP B 49 5.82 -2.49 41.95
N LYS B 50 6.51 -3.42 42.60
CA LYS B 50 7.27 -4.46 41.91
C LYS B 50 6.37 -5.67 41.81
N ILE B 51 6.33 -6.28 40.62
CA ILE B 51 5.57 -7.50 40.39
C ILE B 51 6.47 -8.59 39.85
N ASP B 52 6.06 -9.83 39.91
CA ASP B 52 6.89 -10.92 39.35
C ASP B 52 6.52 -11.22 37.91
N ARG B 53 7.24 -12.13 37.28
CA ARG B 53 7.03 -12.41 35.88
C ARG B 53 5.63 -12.89 35.60
N LEU B 54 5.09 -13.75 36.46
CA LEU B 54 3.75 -14.27 36.20
C LEU B 54 2.72 -13.15 36.20
N GLU B 55 2.78 -12.27 37.22
CA GLU B 55 1.86 -11.16 37.31
C GLU B 55 1.98 -10.24 36.09
N PHE B 56 3.23 -9.96 35.72
CA PHE B 56 3.50 -9.11 34.56
C PHE B 56 2.88 -9.71 33.31
N CYS B 57 3.20 -10.97 33.05
CA CYS B 57 2.70 -11.60 31.85
C CYS B 57 1.19 -11.65 31.81
N GLU B 58 0.56 -11.98 32.94
CA GLU B 58 -0.89 -12.05 32.96
C GLU B 58 -1.55 -10.72 32.69
N ASN B 59 -0.95 -9.65 33.18
CA ASN B 59 -1.54 -8.32 33.05
C ASN B 59 -1.30 -7.68 31.69
N ILE B 60 -0.23 -8.08 30.98
CA ILE B 60 0.02 -7.51 29.67
C ILE B 60 -0.56 -8.36 28.53
N ASP B 61 -0.92 -9.60 28.82
CA ASP B 61 -1.48 -10.46 27.82
C ASP B 61 -2.97 -10.13 27.68
N ASN B 62 -3.26 -8.92 27.19
CA ASN B 62 -4.59 -8.59 26.79
C ASN B 62 -4.57 -7.64 25.61
N GLU B 63 -5.72 -7.51 25.00
CA GLU B 63 -5.87 -6.77 23.79
C GLU B 63 -5.92 -5.24 23.98
N ASP B 64 -6.19 -4.76 25.19
CA ASP B 64 -6.38 -3.33 25.46
C ASP B 64 -5.07 -2.56 25.69
N ILE B 65 -4.03 -3.24 26.07
CA ILE B 65 -2.80 -2.58 26.42
C ILE B 65 -2.17 -1.84 25.24
N ILE B 66 -1.60 -0.69 25.54
CA ILE B 66 -0.93 0.16 24.56
C ILE B 66 0.58 -0.05 24.72
N ASN B 67 1.20 -0.68 23.74
CA ASN B 67 2.62 -1.02 23.81
C ASN B 67 3.52 0.12 23.32
N SER B 68 4.49 0.49 24.13
CA SER B 68 5.50 1.48 23.74
C SER B 68 6.93 0.93 23.85
N ILE B 69 7.09 -0.38 23.99
N ILE B 69 7.09 -0.38 24.00
CA ILE B 69 8.42 -0.96 24.12
CA ILE B 69 8.42 -0.96 24.14
C ILE B 69 9.25 -0.61 22.87
C ILE B 69 9.25 -0.61 22.88
N GLY B 70 10.43 -0.05 23.10
CA GLY B 70 11.20 0.59 22.04
C GLY B 70 12.53 -0.02 21.70
N ALA B 71 12.69 -1.30 21.97
CA ALA B 71 13.93 -2.04 21.63
C ALA B 71 13.53 -3.49 21.26
N ASP B 72 14.18 -3.99 20.22
CA ASP B 72 13.81 -5.30 19.68
C ASP B 72 14.06 -6.46 20.67
N SER B 73 15.18 -6.44 21.39
CA SER B 73 15.50 -7.54 22.26
C SER B 73 14.50 -7.66 23.41
N THR B 74 13.98 -6.52 23.85
CA THR B 74 13.02 -6.50 24.92
C THR B 74 11.69 -7.11 24.47
N ILE B 75 11.26 -6.77 23.25
CA ILE B 75 10.11 -7.38 22.64
C ILE B 75 10.29 -8.92 22.57
N GLN B 76 11.45 -9.35 22.11
CA GLN B 76 11.69 -10.79 21.96
C GLN B 76 11.64 -11.48 23.33
N LEU B 77 12.23 -10.85 24.33
CA LEU B 77 12.25 -11.42 25.68
C LEU B 77 10.83 -11.54 26.24
N ILE B 78 10.05 -10.45 26.19
CA ILE B 78 8.72 -10.55 26.81
C ILE B 78 7.80 -11.49 26.02
N ASN B 79 7.94 -11.55 24.71
CA ASN B 79 7.13 -12.47 23.93
C ASN B 79 7.45 -13.92 24.28
N SER B 80 8.74 -14.19 24.53
CA SER B 80 9.15 -15.52 24.95
C SER B 80 8.67 -15.84 26.36
N LEU B 81 8.74 -14.87 27.29
CA LEU B 81 8.31 -15.10 28.66
C LEU B 81 6.79 -15.26 28.80
N CYS B 82 6.05 -14.50 28.00
CA CYS B 82 4.61 -14.33 28.20
C CYS B 82 3.73 -14.96 27.13
N GLY B 83 4.34 -15.42 26.02
CA GLY B 83 3.59 -15.96 24.92
C GLY B 83 2.81 -14.95 24.12
N THR B 84 3.26 -13.69 24.18
CA THR B 84 2.57 -12.59 23.52
C THR B 84 3.16 -12.35 22.14
N THR B 85 2.57 -11.42 21.40
CA THR B 85 3.02 -11.10 20.05
C THR B 85 3.20 -9.60 19.83
N PHE B 86 3.77 -8.93 20.82
CA PHE B 86 4.07 -7.50 20.66
C PHE B 86 5.11 -7.29 19.56
N GLN B 87 5.08 -6.11 18.94
CA GLN B 87 6.17 -5.68 18.07
C GLN B 87 6.74 -4.38 18.59
N LYS B 88 7.99 -4.08 18.25
CA LYS B 88 8.59 -2.85 18.66
C LYS B 88 7.70 -1.68 18.23
N ASN B 89 7.48 -0.75 19.17
CA ASN B 89 6.66 0.42 18.92
C ASN B 89 7.20 1.57 19.74
N ARG B 90 8.30 2.14 19.25
CA ARG B 90 9.04 3.16 19.98
C ARG B 90 8.34 4.50 19.80
N VAL B 91 7.34 4.74 20.64
CA VAL B 91 6.51 5.93 20.57
C VAL B 91 6.53 6.64 21.94
N GLU B 92 6.06 7.88 21.95
N GLU B 92 6.07 7.89 21.95
CA GLU B 92 5.83 8.62 23.16
CA GLU B 92 5.86 8.60 23.19
C GLU B 92 4.45 8.31 23.70
C GLU B 92 4.45 8.32 23.71
N ILE B 93 4.38 7.95 24.97
CA ILE B 93 3.11 7.85 25.67
C ILE B 93 3.02 9.02 26.64
N LYS B 94 1.79 9.46 26.87
CA LYS B 94 1.51 10.53 27.78
C LYS B 94 0.38 10.09 28.70
N LEU B 95 0.71 9.95 29.96
CA LEU B 95 -0.17 9.37 30.96
C LEU B 95 -1.02 10.46 31.61
N GLU B 96 -2.27 10.15 31.85
CA GLU B 96 -3.20 10.97 32.56
C GLU B 96 -3.57 10.31 33.89
N LYS B 97 -4.26 11.06 34.74
CA LYS B 97 -4.69 10.56 36.04
C LYS B 97 -5.43 9.24 35.89
N GLU B 98 -5.07 8.28 36.73
CA GLU B 98 -5.64 6.93 36.78
C GLU B 98 -5.21 6.00 35.66
N ASP B 99 -4.29 6.44 34.79
CA ASP B 99 -3.72 5.53 33.82
C ASP B 99 -2.79 4.59 34.55
N LYS B 100 -2.56 3.42 33.94
CA LYS B 100 -1.70 2.40 34.53
C LYS B 100 -0.63 2.04 33.54
N LEU B 101 0.54 1.71 34.05
CA LEU B 101 1.69 1.41 33.24
C LEU B 101 2.40 0.18 33.77
N TYR B 102 2.68 -0.76 32.89
CA TYR B 102 3.53 -1.90 33.19
C TYR B 102 4.88 -1.69 32.56
N VAL B 103 5.92 -1.93 33.32
CA VAL B 103 7.31 -1.71 32.88
C VAL B 103 8.13 -2.99 33.00
N VAL B 104 8.86 -3.31 31.95
CA VAL B 104 9.92 -4.28 32.02
C VAL B 104 11.21 -3.48 31.94
N GLN B 105 12.06 -3.63 32.93
CA GLN B 105 13.30 -2.96 32.77
C GLN B 105 14.51 -3.63 33.36
N ILE B 106 15.65 -2.99 33.07
CA ILE B 106 16.93 -3.49 33.52
C ILE B 106 17.23 -2.86 34.85
N SER B 107 17.74 -3.66 35.78
CA SER B 107 17.96 -3.20 37.13
C SER B 107 19.35 -2.67 37.41
N GLN B 108 20.01 -2.16 36.39
CA GLN B 108 21.42 -1.73 36.50
C GLN B 108 21.57 -0.56 35.55
N ARG B 109 22.42 0.40 35.90
CA ARG B 109 22.77 1.45 34.96
C ARG B 109 23.80 0.84 33.99
N LEU B 110 23.59 1.10 32.71
CA LEU B 110 24.37 0.54 31.63
C LEU B 110 25.32 1.62 31.08
N GLU B 111 26.20 1.21 30.19
CA GLU B 111 27.08 2.14 29.49
C GLU B 111 26.20 3.11 28.68
N GLU B 112 26.71 4.32 28.45
CA GLU B 112 25.99 5.29 27.62
C GLU B 112 25.57 4.69 26.30
N GLY B 113 24.30 4.89 25.95
CA GLY B 113 23.76 4.53 24.65
C GLY B 113 23.58 3.03 24.44
N LYS B 114 23.72 2.24 25.52
CA LYS B 114 23.62 0.78 25.38
C LYS B 114 22.27 0.31 24.85
N ILE B 115 22.30 -0.50 23.80
CA ILE B 115 21.13 -1.19 23.30
C ILE B 115 21.45 -2.67 23.47
N LEU B 116 20.71 -3.30 24.40
CA LEU B 116 20.98 -4.72 24.68
C LEU B 116 20.56 -5.65 23.56
N THR B 117 21.42 -6.61 23.26
CA THR B 117 21.08 -7.69 22.33
C THR B 117 20.22 -8.72 23.05
N LEU B 118 19.67 -9.66 22.29
CA LEU B 118 18.86 -10.73 22.88
C LEU B 118 19.69 -11.55 23.87
N GLU B 119 20.91 -11.92 23.48
CA GLU B 119 21.75 -12.71 24.36
C GLU B 119 22.03 -11.96 25.66
N GLU B 120 22.31 -10.65 25.54
CA GLU B 120 22.62 -9.86 26.71
C GLU B 120 21.42 -9.75 27.66
N ILE B 121 20.23 -9.47 27.10
CA ILE B 121 19.08 -9.27 27.96
C ILE B 121 18.61 -10.60 28.55
N LEU B 122 18.77 -11.70 27.84
CA LEU B 122 18.43 -13.00 28.43
C LEU B 122 19.35 -13.33 29.60
N LYS B 123 20.65 -13.03 29.45
CA LYS B 123 21.60 -13.26 30.54
C LYS B 123 21.22 -12.43 31.78
N LEU B 124 20.87 -11.17 31.53
CA LEU B 124 20.42 -10.31 32.61
C LEU B 124 19.16 -10.89 33.24
N TYR B 125 18.21 -11.33 32.43
CA TYR B 125 16.97 -11.90 32.95
C TYR B 125 17.27 -13.09 33.86
N GLU B 126 18.12 -14.01 33.39
CA GLU B 126 18.44 -15.18 34.16
C GLU B 126 19.23 -14.85 35.42
N SER B 127 19.86 -13.68 35.48
CA SER B 127 20.56 -13.31 36.71
C SER B 127 19.77 -12.38 37.65
N GLY B 128 18.48 -12.23 37.40
CA GLY B 128 17.63 -11.42 38.28
C GLY B 128 17.67 -9.93 38.02
N LYS B 129 18.26 -9.53 36.89
N LYS B 129 18.26 -9.53 36.89
CA LYS B 129 18.46 -8.10 36.59
CA LYS B 129 18.46 -8.10 36.59
C LYS B 129 17.47 -7.53 35.56
C LYS B 129 17.48 -7.53 35.56
N VAL B 130 16.44 -8.30 35.23
CA VAL B 130 15.30 -7.79 34.47
C VAL B 130 14.11 -7.91 35.42
N GLN B 131 13.52 -6.76 35.72
CA GLN B 131 12.50 -6.70 36.75
C GLN B 131 11.25 -6.04 36.17
N PHE B 132 10.12 -6.23 36.86
CA PHE B 132 8.83 -5.87 36.36
C PHE B 132 8.10 -4.98 37.35
N PHE B 133 7.41 -3.97 36.85
CA PHE B 133 6.76 -2.99 37.71
C PHE B 133 5.41 -2.59 37.20
N GLU B 134 4.57 -2.18 38.15
CA GLU B 134 3.27 -1.64 37.86
C GLU B 134 3.22 -0.24 38.45
N ILE B 135 2.76 0.72 37.66
N ILE B 135 2.77 0.73 37.66
CA ILE B 135 2.73 2.12 38.07
CA ILE B 135 2.73 2.12 38.07
C ILE B 135 1.32 2.66 37.89
C ILE B 135 1.32 2.66 37.89
N ILE B 136 0.82 3.34 38.92
CA ILE B 136 -0.46 4.02 38.84
C ILE B 136 -0.17 5.51 39.01
N VAL B 137 -0.75 6.28 38.11
CA VAL B 137 -0.48 7.70 37.99
C VAL B 137 -1.59 8.45 38.72
N ASP B 138 -1.19 9.30 39.63
CA ASP B 138 -2.09 10.14 40.41
C ASP B 138 -3.34 9.38 40.92
N ASN C 26 6.16 -7.53 -31.50
CA ASN C 26 6.58 -6.66 -30.34
C ASN C 26 5.59 -6.78 -29.20
N LYS C 27 4.75 -5.81 -28.87
CA LYS C 27 3.61 -6.10 -28.03
C LYS C 27 2.32 -6.25 -28.84
N VAL C 28 1.38 -6.96 -28.27
CA VAL C 28 0.10 -7.17 -28.86
C VAL C 28 -0.95 -6.85 -27.82
N TYR C 29 -1.93 -6.06 -28.21
CA TYR C 29 -2.94 -5.57 -27.33
C TYR C 29 -4.33 -5.96 -27.80
N LEU C 30 -5.26 -5.97 -26.85
CA LEU C 30 -6.67 -6.22 -27.12
C LEU C 30 -7.45 -5.02 -26.55
N ALA C 31 -8.38 -4.49 -27.33
CA ALA C 31 -9.14 -3.31 -26.92
C ALA C 31 -10.53 -3.34 -27.51
N ASN C 32 -11.40 -2.47 -27.02
CA ASN C 32 -12.76 -2.38 -27.50
C ASN C 32 -13.01 -1.18 -28.36
N ALA C 33 -11.92 -0.55 -28.81
CA ALA C 33 -11.96 0.56 -29.79
C ALA C 33 -10.55 0.86 -30.22
N PHE C 34 -10.39 1.60 -31.31
CA PHE C 34 -9.13 2.29 -31.54
C PHE C 34 -9.31 3.77 -31.24
N SER C 35 -8.37 4.32 -30.47
CA SER C 35 -8.43 5.74 -30.10
C SER C 35 -7.10 6.41 -30.42
N ILE C 36 -7.16 7.67 -30.80
CA ILE C 36 -5.94 8.48 -30.95
C ILE C 36 -5.15 8.50 -29.66
N ASN C 37 -5.85 8.39 -28.50
CA ASN C 37 -5.16 8.37 -27.21
C ASN C 37 -4.32 7.15 -26.97
N MET C 38 -4.37 6.16 -27.86
CA MET C 38 -3.43 5.04 -27.78
C MET C 38 -2.07 5.34 -28.40
N LEU C 39 -1.98 6.44 -29.14
CA LEU C 39 -0.74 6.75 -29.87
C LEU C 39 0.16 7.65 -29.04
N THR C 40 1.47 7.54 -29.27
CA THR C 40 2.47 8.27 -28.47
C THR C 40 3.28 9.29 -29.26
N LYS C 41 3.30 9.18 -30.57
CA LYS C 41 4.16 10.00 -31.44
C LYS C 41 3.37 10.34 -32.69
N PHE C 42 3.58 11.55 -33.18
CA PHE C 42 2.87 12.06 -34.35
C PHE C 42 3.84 12.78 -35.24
N PRO C 43 3.65 12.73 -36.56
CA PRO C 43 2.58 11.98 -37.20
C PRO C 43 2.81 10.48 -37.16
N THR C 44 1.73 9.72 -37.23
CA THR C 44 1.88 8.28 -37.26
C THR C 44 0.88 7.68 -38.23
N LYS C 45 1.32 6.60 -38.84
CA LYS C 45 0.48 5.87 -39.77
C LYS C 45 0.12 4.56 -39.12
N VAL C 46 -1.14 4.20 -39.27
CA VAL C 46 -1.62 2.92 -38.82
C VAL C 46 -2.32 2.27 -40.00
N VAL C 47 -2.23 0.96 -40.01
CA VAL C 47 -2.90 0.17 -41.01
C VAL C 47 -3.98 -0.63 -40.29
N ILE C 48 -5.20 -0.54 -40.81
CA ILE C 48 -6.36 -1.16 -40.19
C ILE C 48 -6.95 -2.19 -41.14
N ASP C 49 -7.13 -3.41 -40.65
CA ASP C 49 -7.80 -4.45 -41.41
C ASP C 49 -9.00 -5.00 -40.65
N LYS C 50 -10.00 -5.41 -41.40
CA LYS C 50 -11.19 -6.03 -40.83
C LYS C 50 -11.00 -7.53 -40.90
N ILE C 51 -11.24 -8.22 -39.80
CA ILE C 51 -10.97 -9.66 -39.72
C ILE C 51 -12.22 -10.36 -39.21
N ASP C 52 -12.31 -11.65 -39.44
CA ASP C 52 -13.49 -12.39 -38.98
C ASP C 52 -13.29 -12.91 -37.56
N ARG C 53 -14.35 -13.46 -37.01
CA ARG C 53 -14.36 -13.92 -35.65
C ARG C 53 -13.28 -14.95 -35.41
N LEU C 54 -13.13 -15.89 -36.33
CA LEU C 54 -12.15 -16.93 -36.13
C LEU C 54 -10.73 -16.40 -36.00
N GLU C 55 -10.36 -15.51 -36.91
CA GLU C 55 -9.03 -14.90 -36.89
C GLU C 55 -8.82 -14.11 -35.59
N PHE C 56 -9.85 -13.37 -35.20
CA PHE C 56 -9.79 -12.57 -33.97
C PHE C 56 -9.55 -13.51 -32.78
N CYS C 57 -10.39 -14.53 -32.66
CA CYS C 57 -10.29 -15.41 -31.54
C CYS C 57 -8.95 -16.13 -31.48
N GLU C 58 -8.47 -16.59 -32.63
CA GLU C 58 -7.19 -17.29 -32.64
C GLU C 58 -6.02 -16.42 -32.18
N ASN C 59 -6.08 -15.14 -32.53
CA ASN C 59 -4.98 -14.23 -32.24
C ASN C 59 -5.00 -13.70 -30.80
N ILE C 60 -6.18 -13.66 -30.20
CA ILE C 60 -6.28 -13.19 -28.80
C ILE C 60 -6.22 -14.32 -27.78
N ASP C 61 -6.39 -15.57 -28.19
CA ASP C 61 -6.40 -16.68 -27.25
C ASP C 61 -5.01 -17.07 -26.83
N ASN C 62 -4.33 -16.17 -26.13
CA ASN C 62 -3.01 -16.48 -25.60
C ASN C 62 -2.75 -15.61 -24.40
N GLU C 63 -1.73 -15.99 -23.65
CA GLU C 63 -1.39 -15.32 -22.40
C GLU C 63 -0.61 -14.03 -22.59
N ASP C 64 -0.02 -13.82 -23.76
CA ASP C 64 0.89 -12.69 -24.01
C ASP C 64 0.16 -11.41 -24.41
N ILE C 65 -1.06 -11.53 -24.92
CA ILE C 65 -1.81 -10.36 -25.30
C ILE C 65 -2.14 -9.52 -24.05
N ILE C 66 -2.10 -8.20 -24.24
CA ILE C 66 -2.35 -7.26 -23.15
C ILE C 66 -3.78 -6.74 -23.30
N ASN C 67 -4.65 -7.14 -22.38
CA ASN C 67 -6.07 -6.86 -22.47
C ASN C 67 -6.40 -5.51 -21.85
N SER C 68 -7.10 -4.67 -22.61
CA SER C 68 -7.60 -3.39 -22.13
C SER C 68 -9.11 -3.26 -22.30
N ILE C 69 -9.81 -4.36 -22.58
N ILE C 69 -9.81 -4.35 -22.59
CA ILE C 69 -11.25 -4.27 -22.78
CA ILE C 69 -11.25 -4.28 -22.79
C ILE C 69 -11.90 -3.73 -21.50
C ILE C 69 -11.89 -3.73 -21.51
N GLY C 70 -12.72 -2.70 -21.66
CA GLY C 70 -13.18 -1.90 -20.53
C GLY C 70 -14.66 -1.89 -20.25
N ALA C 71 -15.33 -2.95 -20.66
CA ALA C 71 -16.77 -3.16 -20.39
C ALA C 71 -17.03 -4.64 -20.17
N ASP C 72 -17.86 -4.91 -19.18
CA ASP C 72 -18.14 -6.28 -18.76
C ASP C 72 -18.84 -7.11 -19.87
N SER C 73 -19.80 -6.53 -20.59
CA SER C 73 -20.53 -7.27 -21.52
C SER C 73 -19.66 -7.74 -22.70
N THR C 74 -18.68 -6.90 -23.05
CA THR C 74 -17.77 -7.20 -24.11
C THR C 74 -16.85 -8.34 -23.74
N ILE C 75 -16.37 -8.36 -22.51
CA ILE C 75 -15.62 -9.48 -21.96
C ILE C 75 -16.44 -10.76 -22.06
N GLN C 76 -17.70 -10.71 -21.63
CA GLN C 76 -18.54 -11.91 -21.65
C GLN C 76 -18.74 -12.39 -23.08
N LEU C 77 -18.95 -11.46 -24.00
CA LEU C 77 -19.13 -11.82 -25.41
C LEU C 77 -17.89 -12.49 -25.98
N ILE C 78 -16.73 -11.87 -25.83
CA ILE C 78 -15.53 -12.47 -26.44
C ILE C 78 -15.15 -13.80 -25.76
N ASN C 79 -15.38 -13.93 -24.47
CA ASN C 79 -15.10 -15.19 -23.80
C ASN C 79 -15.99 -16.29 -24.32
N SER C 80 -17.25 -15.96 -24.61
CA SER C 80 -18.20 -16.90 -25.20
C SER C 80 -17.80 -17.26 -26.64
N LEU C 81 -17.40 -16.27 -27.43
CA LEU C 81 -17.04 -16.50 -28.83
C LEU C 81 -15.73 -17.27 -29.00
N CYS C 82 -14.78 -17.01 -28.11
CA CYS C 82 -13.42 -17.49 -28.28
C CYS C 82 -12.97 -18.54 -27.28
N GLY C 83 -13.79 -18.80 -26.25
CA GLY C 83 -13.42 -19.75 -25.20
C GLY C 83 -12.32 -19.26 -24.29
N THR C 84 -12.17 -17.96 -24.19
CA THR C 84 -11.10 -17.33 -23.39
C THR C 84 -11.61 -17.02 -21.98
N THR C 85 -10.70 -16.54 -21.14
CA THR C 85 -11.06 -16.21 -19.76
C THR C 85 -10.57 -14.83 -19.35
N PHE C 86 -10.70 -13.86 -20.25
CA PHE C 86 -10.35 -12.49 -19.91
C PHE C 86 -11.26 -11.95 -18.81
N GLN C 87 -10.75 -10.97 -18.07
CA GLN C 87 -11.58 -10.16 -17.19
C GLN C 87 -11.49 -8.71 -17.63
N LYS C 88 -12.50 -7.92 -17.26
CA LYS C 88 -12.46 -6.49 -17.56
C LYS C 88 -11.17 -5.90 -17.02
N ASN C 89 -10.52 -5.09 -17.86
CA ASN C 89 -9.31 -4.40 -17.46
C ASN C 89 -9.28 -3.03 -18.15
N ARG C 90 -10.04 -2.11 -17.58
CA ARG C 90 -10.23 -0.80 -18.18
C ARG C 90 -9.03 0.08 -17.85
N VAL C 91 -8.00 -0.04 -18.70
CA VAL C 91 -6.76 0.67 -18.52
C VAL C 91 -6.42 1.43 -19.80
N GLU C 92 -5.46 2.36 -19.71
N GLU C 92 -5.46 2.36 -19.69
CA GLU C 92 -4.88 3.01 -20.86
CA GLU C 92 -4.88 3.00 -20.85
C GLU C 92 -3.73 2.18 -21.41
C GLU C 92 -3.73 2.17 -21.41
N ILE C 93 -3.75 1.93 -22.70
CA ILE C 93 -2.60 1.37 -23.39
C ILE C 93 -2.01 2.47 -24.27
N LYS C 94 -0.71 2.31 -24.54
CA LYS C 94 0.02 3.21 -25.40
C LYS C 94 0.84 2.36 -26.35
N LEU C 95 0.57 2.53 -27.63
CA LEU C 95 1.18 1.72 -28.69
C LEU C 95 2.45 2.39 -29.19
N GLU C 96 3.43 1.58 -29.49
CA GLU C 96 4.65 2.01 -30.17
C GLU C 96 4.67 1.39 -31.57
N LYS C 97 5.59 1.88 -32.40
CA LYS C 97 5.74 1.39 -33.76
C LYS C 97 5.92 -0.13 -33.75
N GLU C 98 5.18 -0.80 -34.64
CA GLU C 98 5.21 -2.25 -34.84
C GLU C 98 4.42 -3.02 -33.77
N ASP C 99 3.80 -2.34 -32.81
CA ASP C 99 2.85 -2.99 -31.93
C ASP C 99 1.61 -3.30 -32.74
N LYS C 100 0.86 -4.29 -32.27
CA LYS C 100 -0.36 -4.71 -32.90
C LYS C 100 -1.50 -4.60 -31.90
N LEU C 101 -2.69 -4.31 -32.42
CA LEU C 101 -3.87 -4.19 -31.65
C LEU C 101 -5.03 -4.93 -32.30
N TYR C 102 -5.70 -5.77 -31.50
CA TYR C 102 -6.94 -6.40 -31.93
C TYR C 102 -8.08 -5.69 -31.25
N VAL C 103 -9.11 -5.37 -32.01
CA VAL C 103 -10.24 -4.61 -31.55
C VAL C 103 -11.56 -5.37 -31.77
N VAL C 104 -12.38 -5.44 -30.75
CA VAL C 104 -13.74 -5.84 -30.90
C VAL C 104 -14.56 -4.58 -30.73
N GLN C 105 -15.35 -4.25 -31.71
CA GLN C 105 -16.20 -3.12 -31.47
C GLN C 105 -17.54 -3.12 -32.15
N ILE C 106 -18.29 -2.11 -31.79
CA ILE C 106 -19.63 -1.89 -32.28
C ILE C 106 -19.54 -1.07 -33.55
N SER C 107 -20.29 -1.48 -34.56
CA SER C 107 -20.19 -0.86 -35.86
C SER C 107 -21.19 0.26 -36.11
N GLN C 108 -21.63 0.91 -35.05
CA GLN C 108 -22.70 1.90 -35.16
C GLN C 108 -22.45 2.92 -34.07
N ARG C 109 -22.79 4.17 -34.32
CA ARG C 109 -22.71 5.18 -33.27
C ARG C 109 -23.92 5.01 -32.36
N LEU C 110 -23.69 5.02 -31.06
CA LEU C 110 -24.74 4.76 -30.07
C LEU C 110 -25.12 6.08 -29.40
N GLU C 111 -26.18 6.03 -28.59
CA GLU C 111 -26.56 7.18 -27.81
C GLU C 111 -25.43 7.55 -26.85
N GLU C 112 -25.37 8.82 -26.50
CA GLU C 112 -24.29 9.30 -25.64
C GLU C 112 -24.17 8.47 -24.38
N GLY C 113 -22.95 8.05 -24.07
CA GLY C 113 -22.64 7.37 -22.82
C GLY C 113 -23.16 5.95 -22.72
N LYS C 114 -23.65 5.40 -23.82
CA LYS C 114 -24.21 4.04 -23.81
C LYS C 114 -23.22 2.99 -23.33
N ILE C 115 -23.65 2.18 -22.34
CA ILE C 115 -22.91 1.03 -21.92
C ILE C 115 -23.80 -0.17 -22.20
N LEU C 116 -23.40 -0.98 -23.18
CA LEU C 116 -24.21 -2.11 -23.60
C LEU C 116 -24.24 -3.23 -22.58
N THR C 117 -25.44 -3.76 -22.34
CA THR C 117 -25.62 -4.95 -21.53
C THR C 117 -25.29 -6.19 -22.36
N LEU C 118 -25.25 -7.36 -21.72
CA LEU C 118 -24.99 -8.59 -22.44
C LEU C 118 -26.07 -8.85 -23.49
N GLU C 119 -27.34 -8.66 -23.13
CA GLU C 119 -28.42 -8.88 -24.08
C GLU C 119 -28.27 -7.96 -25.30
N GLU C 120 -27.94 -6.70 -25.02
CA GLU C 120 -27.80 -5.72 -26.10
C GLU C 120 -26.64 -6.05 -27.03
N ILE C 121 -25.49 -6.41 -26.46
CA ILE C 121 -24.34 -6.68 -27.30
C ILE C 121 -24.49 -7.99 -28.05
N LEU C 122 -25.17 -8.97 -27.47
CA LEU C 122 -25.43 -10.20 -28.19
C LEU C 122 -26.35 -9.97 -29.39
N LYS C 123 -27.37 -9.12 -29.20
CA LYS C 123 -28.27 -8.78 -30.30
C LYS C 123 -27.49 -8.09 -31.45
N LEU C 124 -26.61 -7.17 -31.06
CA LEU C 124 -25.77 -6.52 -32.05
C LEU C 124 -24.87 -7.53 -32.73
N TYR C 125 -24.27 -8.44 -31.97
CA TYR C 125 -23.41 -9.46 -32.56
C TYR C 125 -24.15 -10.28 -33.58
N GLU C 126 -25.35 -10.74 -33.22
CA GLU C 126 -26.11 -11.57 -34.13
C GLU C 126 -26.60 -10.80 -35.34
N SER C 127 -26.64 -9.47 -35.27
CA SER C 127 -27.03 -8.69 -36.45
C SER C 127 -25.87 -8.15 -37.28
N GLY C 128 -24.66 -8.63 -37.02
CA GLY C 128 -23.49 -8.23 -37.80
C GLY C 128 -22.89 -6.90 -37.38
N LYS C 129 -23.28 -6.39 -36.22
CA LYS C 129 -22.83 -5.06 -35.78
C LYS C 129 -21.74 -5.09 -34.70
N VAL C 130 -21.17 -6.26 -34.45
CA VAL C 130 -19.98 -6.41 -33.64
C VAL C 130 -18.93 -6.94 -34.61
N GLN C 131 -17.88 -6.14 -34.79
CA GLN C 131 -16.90 -6.40 -35.81
C GLN C 131 -15.53 -6.42 -35.17
N PHE C 132 -14.59 -7.02 -35.90
CA PHE C 132 -13.27 -7.31 -35.40
C PHE C 132 -12.23 -6.72 -36.33
N PHE C 133 -11.19 -6.14 -35.72
CA PHE C 133 -10.16 -5.46 -36.46
C PHE C 133 -8.79 -5.78 -35.95
N GLU C 134 -7.83 -5.68 -36.88
CA GLU C 134 -6.43 -5.76 -36.56
C GLU C 134 -5.81 -4.45 -36.97
N ILE C 135 -5.00 -3.87 -36.08
N ILE C 135 -5.01 -3.87 -36.08
CA ILE C 135 -4.32 -2.61 -36.36
CA ILE C 135 -4.32 -2.61 -36.36
C ILE C 135 -2.84 -2.78 -36.13
C ILE C 135 -2.84 -2.79 -36.13
N ILE C 136 -2.04 -2.31 -37.08
CA ILE C 136 -0.60 -2.32 -36.97
C ILE C 136 -0.17 -0.86 -37.00
N VAL C 137 0.67 -0.48 -36.06
CA VAL C 137 1.20 0.90 -36.06
C VAL C 137 2.48 0.95 -36.92
N ASN D 26 7.90 -21.79 11.38
CA ASN D 26 6.74 -21.71 10.48
C ASN D 26 5.49 -22.23 11.15
N LYS D 27 4.55 -21.35 11.37
CA LYS D 27 3.37 -21.64 12.17
C LYS D 27 2.16 -21.78 11.29
N VAL D 28 1.14 -22.45 11.80
CA VAL D 28 -0.10 -22.63 11.10
C VAL D 28 -1.23 -22.24 12.03
N TYR D 29 -2.16 -21.45 11.53
CA TYR D 29 -3.23 -20.91 12.34
C TYR D 29 -4.59 -21.26 11.80
N LEU D 30 -5.59 -21.21 12.67
CA LEU D 30 -6.98 -21.42 12.30
C LEU D 30 -7.75 -20.17 12.81
N ALA D 31 -8.61 -19.62 11.95
CA ALA D 31 -9.33 -18.39 12.30
C ALA D 31 -10.68 -18.36 11.62
N ASN D 32 -11.55 -17.46 12.07
CA ASN D 32 -12.88 -17.31 11.50
C ASN D 32 -13.01 -16.11 10.62
N ALA D 33 -11.87 -15.53 10.24
CA ALA D 33 -11.81 -14.43 9.25
C ALA D 33 -10.36 -14.19 8.91
N PHE D 34 -10.10 -13.45 7.84
CA PHE D 34 -8.81 -12.82 7.66
C PHE D 34 -8.93 -11.33 7.95
N SER D 35 -8.03 -10.82 8.77
CA SER D 35 -8.07 -9.42 9.18
C SER D 35 -6.71 -8.79 8.95
N ILE D 36 -6.73 -7.50 8.59
CA ILE D 36 -5.49 -6.74 8.50
C ILE D 36 -4.75 -6.75 9.83
N ASN D 37 -5.50 -6.84 10.94
CA ASN D 37 -4.88 -6.88 12.27
C ASN D 37 -4.08 -8.15 12.55
N MET D 38 -4.14 -9.12 11.66
CA MET D 38 -3.25 -10.28 11.76
C MET D 38 -1.85 -10.03 11.20
N LEU D 39 -1.67 -8.94 10.47
CA LEU D 39 -0.40 -8.67 9.82
C LEU D 39 0.49 -7.78 10.70
N THR D 40 1.80 -7.94 10.54
CA THR D 40 2.79 -7.26 11.39
C THR D 40 3.67 -6.25 10.68
N LYS D 41 3.77 -6.37 9.36
CA LYS D 41 4.72 -5.60 8.55
C LYS D 41 4.01 -5.23 7.25
N PHE D 42 4.28 -4.02 6.78
CA PHE D 42 3.64 -3.50 5.59
C PHE D 42 4.67 -2.79 4.73
N PRO D 43 4.53 -2.85 3.40
CA PRO D 43 3.49 -3.59 2.72
C PRO D 43 3.70 -5.11 2.77
N THR D 44 2.61 -5.84 2.64
CA THR D 44 2.72 -7.28 2.62
C THR D 44 1.75 -7.86 1.61
N LYS D 45 2.15 -8.97 1.03
CA LYS D 45 1.31 -9.66 0.07
C LYS D 45 0.90 -10.96 0.70
N VAL D 46 -0.36 -11.29 0.50
CA VAL D 46 -0.87 -12.57 0.91
C VAL D 46 -1.51 -13.20 -0.30
N VAL D 47 -1.44 -14.51 -0.33
CA VAL D 47 -2.09 -15.29 -1.36
C VAL D 47 -3.24 -16.06 -0.69
N ILE D 48 -4.41 -15.94 -1.26
CA ILE D 48 -5.62 -16.52 -0.70
C ILE D 48 -6.22 -17.51 -1.66
N ASP D 49 -6.47 -18.73 -1.19
CA ASP D 49 -7.11 -19.74 -2.00
C ASP D 49 -8.36 -20.28 -1.30
N LYS D 50 -9.33 -20.65 -2.10
CA LYS D 50 -10.56 -21.25 -1.59
C LYS D 50 -10.39 -22.76 -1.66
N ILE D 51 -10.71 -23.45 -0.56
CA ILE D 51 -10.46 -24.89 -0.46
C ILE D 51 -11.76 -25.56 -0.03
N ASP D 52 -11.85 -26.87 -0.25
CA ASP D 52 -13.04 -27.59 0.14
C ASP D 52 -12.96 -28.08 1.59
N ARG D 53 -14.08 -28.62 2.05
CA ARG D 53 -14.19 -29.06 3.42
C ARG D 53 -13.13 -30.11 3.75
N LEU D 54 -12.92 -31.07 2.86
CA LEU D 54 -11.96 -32.13 3.15
C LEU D 54 -10.55 -31.57 3.36
N GLU D 55 -10.11 -30.70 2.47
CA GLU D 55 -8.78 -30.11 2.57
C GLU D 55 -8.65 -29.29 3.87
N PHE D 56 -9.71 -28.53 4.17
CA PHE D 56 -9.73 -27.74 5.39
C PHE D 56 -9.58 -28.66 6.62
N CYS D 57 -10.45 -29.67 6.70
CA CYS D 57 -10.46 -30.54 7.85
C CYS D 57 -9.13 -31.28 7.98
N GLU D 58 -8.56 -31.76 6.88
CA GLU D 58 -7.30 -32.50 6.97
C GLU D 58 -6.17 -31.65 7.49
N ASN D 59 -6.16 -30.36 7.12
CA ASN D 59 -5.07 -29.49 7.47
C ASN D 59 -5.20 -28.93 8.89
N ILE D 60 -6.40 -28.86 9.42
CA ILE D 60 -6.61 -28.40 10.79
C ILE D 60 -6.63 -29.49 11.84
N ASP D 61 -6.80 -30.74 11.43
CA ASP D 61 -6.96 -31.83 12.39
C ASP D 61 -5.58 -32.28 12.86
N ASN D 62 -4.89 -31.40 13.57
CA ASN D 62 -3.62 -31.75 14.18
C ASN D 62 -3.39 -30.90 15.40
N GLU D 63 -2.42 -31.30 16.19
CA GLU D 63 -2.15 -30.66 17.47
C GLU D 63 -1.32 -29.38 17.33
N ASP D 64 -0.65 -29.18 16.19
CA ASP D 64 0.26 -28.02 16.00
C ASP D 64 -0.44 -26.75 15.55
N ILE D 65 -1.63 -26.86 14.98
CA ILE D 65 -2.33 -25.68 14.54
C ILE D 65 -2.74 -24.83 15.74
N ILE D 66 -2.67 -23.51 15.54
CA ILE D 66 -2.98 -22.54 16.60
C ILE D 66 -4.38 -22.01 16.33
N ASN D 67 -5.33 -22.37 17.19
CA ASN D 67 -6.75 -22.06 17.00
C ASN D 67 -7.06 -20.68 17.59
N SER D 68 -7.67 -19.81 16.77
CA SER D 68 -8.16 -18.53 17.22
C SER D 68 -9.66 -18.34 16.96
N ILE D 69 -10.37 -19.42 16.63
N ILE D 69 -10.38 -19.42 16.64
CA ILE D 69 -11.80 -19.29 16.36
CA ILE D 69 -11.80 -19.29 16.35
C ILE D 69 -12.51 -18.71 17.58
C ILE D 69 -12.51 -18.71 17.58
N GLY D 70 -13.29 -17.65 17.35
CA GLY D 70 -13.80 -16.83 18.46
C GLY D 70 -15.30 -16.78 18.59
N ALA D 71 -15.98 -17.84 18.14
CA ALA D 71 -17.43 -17.96 18.27
C ALA D 71 -17.82 -19.40 18.50
N ASP D 72 -18.75 -19.63 19.41
CA ASP D 72 -19.12 -20.99 19.79
C ASP D 72 -19.75 -21.80 18.64
N SER D 73 -20.64 -21.19 17.86
CA SER D 73 -21.31 -21.94 16.83
C SER D 73 -20.34 -22.41 15.75
N THR D 74 -19.31 -21.61 15.51
CA THR D 74 -18.31 -21.95 14.52
C THR D 74 -17.48 -23.13 14.98
N ILE D 75 -17.10 -23.15 16.25
CA ILE D 75 -16.43 -24.29 16.86
C ILE D 75 -17.31 -25.55 16.70
N GLN D 76 -18.59 -25.44 17.02
CA GLN D 76 -19.48 -26.61 16.93
C GLN D 76 -19.58 -27.09 15.49
N LEU D 77 -19.68 -26.17 14.55
CA LEU D 77 -19.75 -26.53 13.14
C LEU D 77 -18.49 -27.24 12.67
N ILE D 78 -17.31 -26.68 12.93
CA ILE D 78 -16.10 -27.33 12.42
C ILE D 78 -15.84 -28.67 13.13
N ASN D 79 -16.18 -28.78 14.40
CA ASN D 79 -16.02 -30.04 15.10
C ASN D 79 -16.92 -31.12 14.51
N SER D 80 -18.13 -30.73 14.11
CA SER D 80 -19.06 -31.64 13.45
C SER D 80 -18.55 -32.03 12.05
N LEU D 81 -18.05 -31.06 11.29
CA LEU D 81 -17.56 -31.31 9.94
C LEU D 81 -16.27 -32.12 9.89
N CYS D 82 -15.40 -31.91 10.86
CA CYS D 82 -14.03 -32.44 10.81
C CYS D 82 -13.74 -33.52 11.84
N GLY D 83 -14.65 -33.74 12.80
CA GLY D 83 -14.42 -34.69 13.88
C GLY D 83 -13.38 -34.23 14.87
N THR D 84 -13.18 -32.93 14.98
CA THR D 84 -12.16 -32.36 15.85
C THR D 84 -12.78 -32.01 17.21
N THR D 85 -11.94 -31.56 18.14
CA THR D 85 -12.38 -31.17 19.47
C THR D 85 -11.86 -29.81 19.89
N PHE D 86 -11.87 -28.85 18.96
CA PHE D 86 -11.48 -27.49 19.31
C PHE D 86 -12.44 -26.90 20.32
N GLN D 87 -11.95 -25.92 21.09
CA GLN D 87 -12.79 -25.08 21.91
C GLN D 87 -12.58 -23.64 21.49
N LYS D 88 -13.59 -22.82 21.80
CA LYS D 88 -13.48 -21.39 21.48
C LYS D 88 -12.22 -20.82 22.12
N ASN D 89 -11.48 -20.04 21.33
CA ASN D 89 -10.25 -19.42 21.81
C ASN D 89 -10.08 -18.06 21.11
N ARG D 90 -10.83 -17.08 21.60
CA ARG D 90 -10.91 -15.78 20.95
C ARG D 90 -9.67 -14.92 21.29
N VAL D 91 -8.59 -15.15 20.56
CA VAL D 91 -7.31 -14.51 20.80
C VAL D 91 -6.78 -13.80 19.56
N GLU D 92 -5.78 -12.96 19.73
CA GLU D 92 -5.13 -12.29 18.61
C GLU D 92 -4.00 -13.12 18.09
N ILE D 93 -3.98 -13.37 16.78
CA ILE D 93 -2.81 -13.96 16.13
C ILE D 93 -2.09 -12.89 15.33
N LYS D 94 -0.79 -13.11 15.17
CA LYS D 94 0.01 -12.24 14.30
C LYS D 94 0.85 -13.10 13.40
N LEU D 95 0.65 -12.94 12.11
CA LEU D 95 1.28 -13.75 11.08
C LEU D 95 2.59 -13.13 10.64
N GLU D 96 3.58 -13.98 10.43
CA GLU D 96 4.83 -13.59 9.82
C GLU D 96 4.94 -14.26 8.45
N LYS D 97 5.91 -13.80 7.67
CA LYS D 97 6.18 -14.35 6.35
C LYS D 97 6.32 -15.88 6.42
N GLU D 98 5.63 -16.55 5.50
CA GLU D 98 5.64 -18.01 5.38
C GLU D 98 4.78 -18.75 6.42
N ASP D 99 4.09 -18.02 7.29
CA ASP D 99 3.05 -18.63 8.11
C ASP D 99 1.87 -18.93 7.21
N LYS D 100 1.05 -19.88 7.64
CA LYS D 100 -0.16 -20.24 6.93
C LYS D 100 -1.35 -20.07 7.86
N LEU D 101 -2.49 -19.73 7.26
CA LEU D 101 -3.73 -19.57 7.96
C LEU D 101 -4.88 -20.27 7.25
N TYR D 102 -5.65 -21.05 8.00
CA TYR D 102 -6.88 -21.64 7.51
C TYR D 102 -8.03 -20.88 8.11
N VAL D 103 -8.99 -20.51 7.28
CA VAL D 103 -10.14 -19.73 7.67
C VAL D 103 -11.46 -20.44 7.35
N VAL D 104 -12.37 -20.48 8.30
CA VAL D 104 -13.74 -20.81 8.06
C VAL D 104 -14.52 -19.51 8.16
N GLN D 105 -15.20 -19.14 7.10
CA GLN D 105 -16.04 -18.00 7.29
C GLN D 105 -17.35 -17.97 6.55
N ILE D 106 -18.09 -16.92 6.88
CA ILE D 106 -19.40 -16.70 6.31
C ILE D 106 -19.22 -15.84 5.08
N SER D 107 -19.93 -16.19 4.00
CA SER D 107 -19.74 -15.54 2.73
C SER D 107 -20.71 -14.40 2.48
N GLN D 108 -21.22 -13.78 3.52
CA GLN D 108 -22.23 -12.76 3.40
C GLN D 108 -21.98 -11.74 4.50
N ARG D 109 -22.24 -10.47 4.21
CA ARG D 109 -22.18 -9.45 5.25
C ARG D 109 -23.47 -9.56 6.06
N LEU D 110 -23.34 -9.55 7.37
CA LEU D 110 -24.46 -9.77 8.28
C LEU D 110 -24.86 -8.44 8.93
N GLU D 111 -25.96 -8.47 9.68
CA GLU D 111 -26.35 -7.31 10.45
C GLU D 111 -25.25 -6.97 11.46
N GLU D 112 -25.18 -5.70 11.84
CA GLU D 112 -24.15 -5.27 12.78
C GLU D 112 -24.15 -6.12 14.05
N GLY D 113 -22.97 -6.57 14.42
CA GLY D 113 -22.78 -7.29 15.69
C GLY D 113 -23.32 -8.71 15.70
N LYS D 114 -23.76 -9.22 14.55
CA LYS D 114 -24.40 -10.56 14.52
C LYS D 114 -23.45 -11.65 14.98
N ILE D 115 -23.94 -12.47 15.92
N ILE D 115 -23.94 -12.47 15.91
CA ILE D 115 -23.25 -13.66 16.35
CA ILE D 115 -23.24 -13.67 16.35
C ILE D 115 -24.18 -14.81 16.00
C ILE D 115 -24.18 -14.82 16.00
N LEU D 116 -23.76 -15.62 15.04
CA LEU D 116 -24.63 -16.68 14.54
C LEU D 116 -24.79 -17.82 15.56
N THR D 117 -26.03 -18.29 15.70
CA THR D 117 -26.32 -19.48 16.48
C THR D 117 -25.98 -20.72 15.68
N LEU D 118 -26.04 -21.88 16.31
CA LEU D 118 -25.77 -23.13 15.62
C LEU D 118 -26.76 -23.35 14.48
N GLU D 119 -28.05 -23.13 14.74
CA GLU D 119 -29.05 -23.29 13.70
C GLU D 119 -28.78 -22.36 12.51
N GLU D 120 -28.43 -21.12 12.81
CA GLU D 120 -28.16 -20.15 11.77
C GLU D 120 -26.95 -20.53 10.92
N ILE D 121 -25.86 -20.94 11.57
CA ILE D 121 -24.65 -21.24 10.83
C ILE D 121 -24.81 -22.54 10.06
N LEU D 122 -25.57 -23.50 10.59
CA LEU D 122 -25.82 -24.73 9.83
CA LEU D 122 -25.82 -24.73 9.83
C LEU D 122 -26.64 -24.43 8.56
N LYS D 123 -27.64 -23.55 8.67
CA LYS D 123 -28.44 -23.17 7.52
C LYS D 123 -27.56 -22.51 6.43
N LEU D 124 -26.67 -21.63 6.90
CA LEU D 124 -25.74 -21.01 5.98
C LEU D 124 -24.83 -22.05 5.35
N TYR D 125 -24.32 -22.98 6.15
CA TYR D 125 -23.45 -24.03 5.62
C TYR D 125 -24.17 -24.85 4.55
N GLU D 126 -25.41 -25.26 4.83
CA GLU D 126 -26.15 -26.05 3.89
C GLU D 126 -26.52 -25.26 2.63
N SER D 127 -26.49 -23.92 2.69
CA SER D 127 -26.75 -23.15 1.50
C SER D 127 -25.51 -22.66 0.74
N GLY D 128 -24.34 -23.19 1.10
CA GLY D 128 -23.10 -22.82 0.40
C GLY D 128 -22.47 -21.52 0.88
N LYS D 129 -22.95 -20.99 2.00
CA LYS D 129 -22.48 -19.66 2.47
C LYS D 129 -21.48 -19.74 3.65
N VAL D 130 -20.97 -20.93 3.94
CA VAL D 130 -19.86 -21.10 4.83
C VAL D 130 -18.76 -21.72 3.98
N GLN D 131 -17.65 -20.99 3.86
CA GLN D 131 -16.60 -21.33 2.95
C GLN D 131 -15.27 -21.45 3.70
N PHE D 132 -14.31 -22.09 3.05
CA PHE D 132 -13.02 -22.40 3.65
C PHE D 132 -11.88 -21.86 2.82
N PHE D 133 -10.88 -21.30 3.48
CA PHE D 133 -9.75 -20.67 2.79
C PHE D 133 -8.43 -21.01 3.38
N GLU D 134 -7.41 -20.99 2.54
CA GLU D 134 -6.03 -21.11 2.93
C GLU D 134 -5.33 -19.81 2.53
N ILE D 135 -4.59 -19.23 3.46
N ILE D 135 -4.59 -19.23 3.46
CA ILE D 135 -3.84 -18.00 3.23
CA ILE D 135 -3.85 -18.00 3.23
C ILE D 135 -2.36 -18.22 3.54
C ILE D 135 -2.37 -18.23 3.54
N ILE D 136 -1.51 -17.79 2.63
CA ILE D 136 -0.07 -17.84 2.81
C ILE D 136 0.42 -16.39 2.78
N VAL D 137 1.25 -16.04 3.73
CA VAL D 137 1.82 -14.68 3.77
C VAL D 137 3.14 -14.68 3.01
N LYS E 27 -14.04 16.07 -48.99
CA LYS E 27 -14.81 16.58 -47.85
C LYS E 27 -13.90 16.80 -46.65
N VAL E 28 -14.37 17.65 -45.75
CA VAL E 28 -13.66 17.89 -44.51
C VAL E 28 -14.63 17.72 -43.37
N TYR E 29 -14.22 16.98 -42.35
CA TYR E 29 -15.08 16.64 -41.24
C TYR E 29 -14.51 17.10 -39.91
N LEU E 30 -15.39 17.27 -38.94
CA LEU E 30 -15.03 17.58 -37.57
C LEU E 30 -15.67 16.54 -36.66
N ALA E 31 -14.91 16.00 -35.71
CA ALA E 31 -15.42 14.95 -34.83
C ALA E 31 -14.79 15.06 -33.46
N ASN E 32 -15.41 14.37 -32.47
CA ASN E 32 -14.86 14.39 -31.11
C ASN E 32 -14.10 13.15 -30.75
N ALA E 33 -13.78 12.33 -31.76
CA ALA E 33 -12.96 11.14 -31.62
C ALA E 33 -12.74 10.60 -33.02
N PHE E 34 -11.75 9.73 -33.17
CA PHE E 34 -11.67 8.89 -34.35
C PHE E 34 -12.33 7.54 -34.04
N SER E 35 -13.04 6.99 -34.99
CA SER E 35 -13.54 5.62 -34.85
C SER E 35 -13.26 4.80 -36.08
N ILE E 36 -12.93 3.52 -35.90
CA ILE E 36 -12.82 2.60 -37.03
C ILE E 36 -14.11 2.59 -37.86
N ASN E 37 -15.25 2.85 -37.21
CA ASN E 37 -16.54 2.94 -37.92
C ASN E 37 -16.63 4.10 -38.93
N MET E 38 -15.65 4.97 -38.96
CA MET E 38 -15.59 5.98 -39.99
C MET E 38 -15.02 5.46 -41.32
N LEU E 39 -14.41 4.28 -41.30
CA LEU E 39 -13.74 3.76 -42.49
C LEU E 39 -14.68 2.87 -43.29
N THR E 40 -14.48 2.84 -44.60
CA THR E 40 -15.40 2.15 -45.52
C THR E 40 -14.81 0.95 -46.24
N LYS E 41 -13.48 0.87 -46.30
CA LYS E 41 -12.80 -0.24 -46.97
C LYS E 41 -11.60 -0.66 -46.15
N PHE E 42 -11.27 -1.94 -46.20
CA PHE E 42 -10.16 -2.52 -45.48
C PHE E 42 -9.42 -3.47 -46.39
N PRO E 43 -8.10 -3.59 -46.24
CA PRO E 43 -7.30 -2.78 -45.30
C PRO E 43 -7.16 -1.34 -45.77
N THR E 44 -6.92 -0.46 -44.82
CA THR E 44 -6.72 0.92 -45.13
C THR E 44 -5.66 1.51 -44.21
N LYS E 45 -5.01 2.56 -44.66
CA LYS E 45 -4.05 3.29 -43.86
C LYS E 45 -4.65 4.63 -43.47
N VAL E 46 -4.38 5.01 -42.25
CA VAL E 46 -4.84 6.29 -41.71
C VAL E 46 -3.57 6.98 -41.22
N VAL E 47 -3.42 8.26 -41.55
CA VAL E 47 -2.32 9.02 -41.03
C VAL E 47 -2.90 10.05 -40.06
N ILE E 48 -2.32 10.09 -38.87
CA ILE E 48 -2.81 10.95 -37.81
C ILE E 48 -1.70 11.90 -37.39
N ASP E 49 -2.01 13.18 -37.40
CA ASP E 49 -1.02 14.17 -36.97
C ASP E 49 -1.60 15.07 -35.91
N LYS E 50 -0.76 15.52 -34.99
CA LYS E 50 -1.17 16.40 -33.91
C LYS E 50 -0.94 17.84 -34.36
N ILE E 51 -1.92 18.69 -34.14
CA ILE E 51 -1.87 20.08 -34.58
C ILE E 51 -2.16 20.97 -33.37
N ASP E 52 -1.79 22.25 -33.45
CA ASP E 52 -2.06 23.14 -32.34
C ASP E 52 -3.46 23.78 -32.45
N ARG E 53 -3.85 24.48 -31.41
CA ARG E 53 -5.15 25.08 -31.34
C ARG E 53 -5.36 26.05 -32.49
N LEU E 54 -4.36 26.87 -32.78
CA LEU E 54 -4.52 27.84 -33.86
C LEU E 54 -4.84 27.18 -35.20
N GLU E 55 -4.08 26.15 -35.55
CA GLU E 55 -4.28 25.42 -36.79
C GLU E 55 -5.66 24.78 -36.81
N PHE E 56 -6.03 24.17 -35.68
CA PHE E 56 -7.34 23.52 -35.54
C PHE E 56 -8.45 24.55 -35.81
N CYS E 57 -8.40 25.66 -35.08
CA CYS E 57 -9.46 26.63 -35.18
C CYS E 57 -9.53 27.21 -36.59
N GLU E 58 -8.38 27.51 -37.18
CA GLU E 58 -8.38 28.08 -38.53
C GLU E 58 -8.99 27.14 -39.56
N ASN E 59 -8.75 25.84 -39.42
CA ASN E 59 -9.20 24.88 -40.40
C ASN E 59 -10.66 24.48 -40.22
N ILE E 60 -11.22 24.62 -39.03
CA ILE E 60 -12.62 24.31 -38.81
C ILE E 60 -13.54 25.51 -38.94
N ASP E 61 -13.00 26.71 -38.93
CA ASP E 61 -13.82 27.91 -38.97
C ASP E 61 -14.16 28.21 -40.42
N ASN E 62 -14.96 27.34 -41.02
CA ASN E 62 -15.47 27.61 -42.35
C ASN E 62 -16.81 26.93 -42.53
N GLU E 63 -17.49 27.32 -43.60
CA GLU E 63 -18.83 26.85 -43.84
C GLU E 63 -18.90 25.44 -44.44
N ASP E 64 -17.81 24.95 -45.01
CA ASP E 64 -17.79 23.67 -45.75
C ASP E 64 -17.57 22.44 -44.84
N ILE E 65 -17.02 22.64 -43.66
CA ILE E 65 -16.73 21.51 -42.80
C ILE E 65 -18.04 20.86 -42.33
N ILE E 66 -18.00 19.53 -42.24
CA ILE E 66 -19.14 18.73 -41.81
C ILE E 66 -18.92 18.33 -40.35
N ASN E 67 -19.72 18.89 -39.47
CA ASN E 67 -19.62 18.68 -38.04
C ASN E 67 -20.34 17.43 -37.59
N SER E 68 -19.65 16.56 -36.86
CA SER E 68 -20.25 15.40 -36.23
C SER E 68 -20.06 15.36 -34.72
N ILE E 69 -19.65 16.48 -34.12
N ILE E 69 -19.64 16.48 -34.12
CA ILE E 69 -19.42 16.52 -32.68
CA ILE E 69 -19.39 16.51 -32.68
C ILE E 69 -20.73 16.16 -31.97
C ILE E 69 -20.73 16.15 -31.98
N GLY E 70 -20.65 15.19 -31.06
CA GLY E 70 -21.84 14.54 -30.51
C GLY E 70 -22.03 14.69 -29.02
N ALA E 71 -21.46 15.75 -28.45
CA ALA E 71 -21.58 16.06 -27.03
C ALA E 71 -21.62 17.57 -26.83
N ASP E 72 -22.50 18.02 -25.95
CA ASP E 72 -22.74 19.44 -25.76
C ASP E 72 -21.54 20.20 -25.21
N SER E 73 -20.84 19.64 -24.23
CA SER E 73 -19.74 20.36 -23.61
C SER E 73 -18.59 20.57 -24.62
N THR E 74 -18.44 19.64 -25.53
CA THR E 74 -17.41 19.74 -26.55
C THR E 74 -17.72 20.84 -27.54
N ILE E 75 -19.00 20.94 -27.93
CA ILE E 75 -19.47 22.05 -28.76
C ILE E 75 -19.17 23.37 -28.07
N GLN E 76 -19.51 23.46 -26.79
CA GLN E 76 -19.31 24.72 -26.05
C GLN E 76 -17.83 25.08 -26.01
N LEU E 77 -16.99 24.07 -25.75
CA LEU E 77 -15.56 24.31 -25.69
C LEU E 77 -14.99 24.80 -27.02
N ILE E 78 -15.29 24.10 -28.11
CA ILE E 78 -14.68 24.52 -29.38
C ILE E 78 -15.23 25.86 -29.85
N ASN E 79 -16.51 26.14 -29.58
CA ASN E 79 -17.05 27.45 -29.95
C ASN E 79 -16.36 28.56 -29.19
N SER E 80 -16.06 28.31 -27.93
CA SER E 80 -15.33 29.27 -27.10
C SER E 80 -13.87 29.44 -27.59
N LEU E 81 -13.22 28.34 -27.93
CA LEU E 81 -11.81 28.40 -28.36
C LEU E 81 -11.64 29.02 -29.74
N CYS E 82 -12.59 28.76 -30.63
CA CYS E 82 -12.44 29.10 -32.06
C CYS E 82 -13.35 30.23 -32.54
N GLY E 83 -14.31 30.65 -31.72
CA GLY E 83 -15.27 31.69 -32.11
C GLY E 83 -16.30 31.21 -33.13
N THR E 84 -16.53 29.90 -33.16
CA THR E 84 -17.43 29.27 -34.12
C THR E 84 -18.83 29.15 -33.53
N THR E 85 -19.77 28.67 -34.35
CA THR E 85 -21.16 28.50 -33.92
C THR E 85 -21.71 27.11 -34.26
N PHE E 86 -20.91 26.10 -34.05
CA PHE E 86 -21.37 24.72 -34.24
C PHE E 86 -22.48 24.38 -33.25
N GLN E 87 -23.32 23.44 -33.64
CA GLN E 87 -24.30 22.86 -32.74
C GLN E 87 -24.09 21.36 -32.71
N LYS E 88 -24.51 20.72 -31.63
CA LYS E 88 -24.37 19.28 -31.52
C LYS E 88 -25.03 18.60 -32.72
N ASN E 89 -24.32 17.65 -33.31
CA ASN E 89 -24.79 16.93 -34.49
C ASN E 89 -24.22 15.50 -34.43
N ARG E 90 -24.84 14.69 -33.59
CA ARG E 90 -24.33 13.36 -33.30
C ARG E 90 -24.75 12.39 -34.43
N VAL E 91 -23.95 12.39 -35.48
CA VAL E 91 -24.21 11.59 -36.67
C VAL E 91 -23.01 10.70 -36.99
N GLU E 92 -23.24 9.71 -37.84
CA GLU E 92 -22.17 8.84 -38.33
C GLU E 92 -21.60 9.43 -39.60
N ILE E 93 -20.29 9.56 -39.64
CA ILE E 93 -19.60 9.95 -40.86
C ILE E 93 -18.88 8.76 -41.44
N LYS E 94 -18.64 8.79 -42.75
CA LYS E 94 -17.89 7.76 -43.44
C LYS E 94 -16.90 8.45 -44.36
N LEU E 95 -15.63 8.16 -44.12
CA LEU E 95 -14.54 8.83 -44.80
C LEU E 95 -14.16 8.06 -46.05
N GLU E 96 -13.82 8.83 -47.08
CA GLU E 96 -13.26 8.27 -48.30
C GLU E 96 -11.82 8.77 -48.42
N LYS E 97 -11.09 8.14 -49.31
CA LYS E 97 -9.72 8.54 -49.66
C LYS E 97 -9.68 10.03 -50.00
N GLU E 98 -8.70 10.72 -49.41
CA GLU E 98 -8.45 12.16 -49.60
C GLU E 98 -9.42 13.07 -48.82
N ASP E 99 -10.34 12.49 -48.05
CA ASP E 99 -11.09 13.29 -47.10
C ASP E 99 -10.15 13.64 -45.96
N LYS E 100 -10.48 14.71 -45.25
CA LYS E 100 -9.74 15.11 -44.07
C LYS E 100 -10.68 15.15 -42.89
N LEU E 101 -10.13 14.82 -41.72
CA LEU E 101 -10.91 14.87 -40.48
C LEU E 101 -10.13 15.62 -39.43
N TYR E 102 -10.79 16.55 -38.76
CA TYR E 102 -10.24 17.22 -37.60
C TYR E 102 -10.91 16.66 -36.38
N VAL E 103 -10.10 16.28 -35.40
CA VAL E 103 -10.59 15.73 -34.15
C VAL E 103 -10.16 16.61 -32.96
N VAL E 104 -11.12 16.91 -32.10
CA VAL E 104 -10.84 17.40 -30.77
C VAL E 104 -11.02 16.25 -29.83
N GLN E 105 -9.93 15.95 -29.14
CA GLN E 105 -9.66 14.67 -28.53
C GLN E 105 -9.37 14.82 -27.03
N ILE E 106 -9.97 13.95 -26.22
CA ILE E 106 -9.62 13.90 -24.83
C ILE E 106 -8.48 12.92 -24.66
N SER E 107 -7.44 13.31 -23.98
CA SER E 107 -6.20 12.57 -23.99
C SER E 107 -6.10 11.71 -22.71
N GLN E 108 -7.23 11.22 -22.22
CA GLN E 108 -7.25 10.30 -21.13
C GLN E 108 -8.45 9.39 -21.26
N ARG E 109 -8.31 8.16 -20.79
CA ARG E 109 -9.45 7.25 -20.72
C ARG E 109 -10.31 7.62 -19.52
N LEU E 110 -11.59 7.65 -19.72
CA LEU E 110 -12.60 8.07 -18.75
C LEU E 110 -13.34 6.89 -18.17
N GLU E 111 -14.13 7.14 -17.14
CA GLU E 111 -15.07 6.13 -16.61
C GLU E 111 -16.01 5.67 -17.70
N GLU E 112 -16.45 4.42 -17.62
CA GLU E 112 -17.40 3.90 -18.60
C GLU E 112 -18.62 4.80 -18.72
N GLY E 113 -18.98 5.10 -19.95
CA GLY E 113 -20.22 5.83 -20.25
C GLY E 113 -20.13 7.32 -19.92
N LYS E 114 -18.93 7.82 -19.61
CA LYS E 114 -18.79 9.22 -19.19
C LYS E 114 -19.23 10.20 -20.25
N ILE E 115 -20.08 11.13 -19.85
CA ILE E 115 -20.45 12.28 -20.68
C ILE E 115 -19.95 13.50 -19.91
N LEU E 116 -18.91 14.14 -20.42
CA LEU E 116 -18.29 15.24 -19.69
C LEU E 116 -19.17 16.48 -19.64
N THR E 117 -19.23 17.06 -18.44
CA THR E 117 -19.89 18.35 -18.25
C THR E 117 -18.95 19.46 -18.74
N LEU E 118 -19.47 20.67 -18.82
CA LEU E 118 -18.63 21.81 -19.19
C LEU E 118 -17.49 22.03 -18.19
N GLU E 119 -17.79 21.95 -16.91
CA GLU E 119 -16.75 22.10 -15.89
C GLU E 119 -15.66 21.05 -16.06
N GLU E 120 -16.07 19.82 -16.31
CA GLU E 120 -15.11 18.72 -16.45
C GLU E 120 -14.23 18.91 -17.70
N ILE E 121 -14.82 19.28 -18.81
CA ILE E 121 -14.04 19.43 -20.03
C ILE E 121 -13.14 20.66 -19.97
N LEU E 122 -13.58 21.71 -19.29
CA LEU E 122 -12.71 22.88 -19.10
C LEU E 122 -11.50 22.50 -18.24
N LYS E 123 -11.71 21.71 -17.19
CA LYS E 123 -10.62 21.23 -16.34
C LYS E 123 -9.63 20.40 -17.18
N LEU E 124 -10.15 19.52 -18.02
CA LEU E 124 -9.30 18.74 -18.90
C LEU E 124 -8.53 19.67 -19.84
N TYR E 125 -9.21 20.66 -20.42
CA TYR E 125 -8.53 21.59 -21.31
C TYR E 125 -7.39 22.33 -20.60
N GLU E 126 -7.66 22.83 -19.41
CA GLU E 126 -6.63 23.52 -18.63
C GLU E 126 -5.51 22.60 -18.18
N SER E 127 -5.74 21.27 -18.16
CA SER E 127 -4.68 20.35 -17.78
C SER E 127 -3.89 19.79 -18.97
N GLY E 128 -4.13 20.29 -20.19
CA GLY E 128 -3.43 19.80 -21.35
C GLY E 128 -4.00 18.51 -21.92
N LYS E 129 -5.19 18.11 -21.47
CA LYS E 129 -5.79 16.87 -21.88
C LYS E 129 -6.87 17.00 -22.96
N VAL E 130 -6.99 18.17 -23.57
CA VAL E 130 -7.78 18.33 -24.78
C VAL E 130 -6.82 18.71 -25.89
N GLN E 131 -6.70 17.85 -26.87
CA GLN E 131 -5.69 17.98 -27.92
C GLN E 131 -6.35 17.91 -29.28
N PHE E 132 -5.63 18.32 -30.32
CA PHE E 132 -6.21 18.49 -31.65
C PHE E 132 -5.45 17.69 -32.70
N PHE E 133 -6.17 17.06 -33.60
CA PHE E 133 -5.56 16.17 -34.59
C PHE E 133 -6.16 16.36 -35.95
N GLU E 134 -5.34 16.06 -36.95
CA GLU E 134 -5.75 16.04 -38.34
C GLU E 134 -5.50 14.64 -38.87
N ILE E 135 -6.50 14.06 -39.52
CA ILE E 135 -6.45 12.69 -39.97
C ILE E 135 -6.77 12.62 -41.46
N ILE E 136 -5.93 11.86 -42.19
CA ILE E 136 -6.13 11.63 -43.59
C ILE E 136 -6.29 10.14 -43.78
N VAL E 137 -7.24 9.74 -44.61
CA VAL E 137 -7.53 8.35 -44.92
C VAL E 137 -6.84 7.99 -46.21
N ASP E 138 -6.14 6.85 -46.16
CA ASP E 138 -5.23 6.41 -47.21
C ASP E 138 -4.23 7.48 -47.66
N MET F 25 -12.20 6.00 -13.67
CA MET F 25 -12.06 4.86 -14.64
C MET F 25 -12.25 3.48 -14.02
N ASN F 26 -11.64 3.25 -12.86
CA ASN F 26 -11.97 2.09 -12.06
C ASN F 26 -12.42 2.47 -10.68
N LYS F 27 -12.74 1.46 -9.81
CA LYS F 27 -13.50 1.87 -8.62
C LYS F 27 -12.59 2.02 -7.42
N VAL F 28 -13.01 2.90 -6.53
CA VAL F 28 -12.30 3.13 -5.28
C VAL F 28 -13.32 2.95 -4.17
N TYR F 29 -12.95 2.17 -3.17
CA TYR F 29 -13.86 1.83 -2.10
C TYR F 29 -13.32 2.24 -0.74
N LEU F 30 -14.24 2.41 0.19
CA LEU F 30 -13.91 2.71 1.57
C LEU F 30 -14.63 1.66 2.44
N ALA F 31 -13.93 1.10 3.42
CA ALA F 31 -14.52 0.06 4.26
C ALA F 31 -13.96 0.15 5.67
N ASN F 32 -14.65 -0.53 6.62
CA ASN F 32 -14.19 -0.54 8.00
C ASN F 32 -13.51 -1.83 8.39
N ALA F 33 -13.13 -2.63 7.39
CA ALA F 33 -12.37 -3.87 7.55
C ALA F 33 -12.14 -4.41 6.17
N PHE F 34 -11.17 -5.30 6.04
CA PHE F 34 -11.04 -6.12 4.84
C PHE F 34 -11.74 -7.46 5.11
N SER F 35 -12.41 -7.99 4.13
CA SER F 35 -12.98 -9.33 4.25
C SER F 35 -12.64 -10.17 3.03
N ILE F 36 -12.41 -11.44 3.23
CA ILE F 36 -12.27 -12.38 2.10
C ILE F 36 -13.50 -12.34 1.20
N ASN F 37 -14.66 -12.03 1.76
CA ASN F 37 -15.89 -11.88 0.99
C ASN F 37 -15.89 -10.73 -0.01
N MET F 38 -14.86 -9.87 0.03
CA MET F 38 -14.70 -8.88 -1.01
C MET F 38 -14.05 -9.43 -2.28
N LEU F 39 -13.51 -10.63 -2.22
CA LEU F 39 -12.81 -11.22 -3.35
C LEU F 39 -13.74 -12.08 -4.18
N THR F 40 -13.48 -12.14 -5.48
CA THR F 40 -14.40 -12.75 -6.45
C THR F 40 -13.79 -13.96 -7.16
N LYS F 41 -12.45 -14.08 -7.15
CA LYS F 41 -11.78 -15.21 -7.78
C LYS F 41 -10.66 -15.69 -6.89
N PHE F 42 -10.40 -16.98 -6.94
CA PHE F 42 -9.34 -17.62 -6.15
C PHE F 42 -8.63 -18.63 -7.04
N PRO F 43 -7.33 -18.82 -6.85
CA PRO F 43 -6.50 -18.06 -5.93
C PRO F 43 -6.27 -16.64 -6.36
N THR F 44 -5.98 -15.79 -5.39
CA THR F 44 -5.74 -14.39 -5.69
C THR F 44 -4.69 -13.88 -4.72
N LYS F 45 -4.01 -12.81 -5.12
CA LYS F 45 -3.06 -12.13 -4.28
C LYS F 45 -3.68 -10.79 -3.88
N VAL F 46 -3.47 -10.43 -2.64
N VAL F 46 -3.42 -10.41 -2.65
CA VAL F 46 -3.86 -9.08 -2.20
CA VAL F 46 -3.92 -9.17 -2.10
C VAL F 46 -2.68 -8.43 -1.59
C VAL F 46 -2.68 -8.44 -1.57
N VAL F 47 -2.52 -7.16 -1.91
CA VAL F 47 -1.39 -6.39 -1.38
C VAL F 47 -1.98 -5.34 -0.46
N ILE F 48 -1.46 -5.32 0.76
CA ILE F 48 -1.98 -4.42 1.80
C ILE F 48 -0.86 -3.52 2.27
N ASP F 49 -1.10 -2.23 2.28
CA ASP F 49 -0.08 -1.29 2.76
C ASP F 49 -0.69 -0.35 3.77
N LYS F 50 0.13 0.11 4.72
CA LYS F 50 -0.28 1.01 5.77
C LYS F 50 -0.01 2.44 5.32
N ILE F 51 -0.99 3.31 5.53
CA ILE F 51 -0.87 4.71 5.16
C ILE F 51 -1.20 5.57 6.39
N ASP F 52 -0.82 6.83 6.39
CA ASP F 52 -1.12 7.69 7.53
C ASP F 52 -2.48 8.38 7.38
N ARG F 53 -2.90 9.06 8.43
CA ARG F 53 -4.18 9.71 8.45
C ARG F 53 -4.32 10.70 7.31
N LEU F 54 -3.28 11.50 7.10
CA LEU F 54 -3.38 12.52 6.07
C LEU F 54 -3.63 11.91 4.68
N GLU F 55 -2.86 10.88 4.34
CA GLU F 55 -3.02 10.21 3.06
C GLU F 55 -4.39 9.58 2.93
N PHE F 56 -4.84 8.94 4.00
CA PHE F 56 -6.18 8.33 4.03
C PHE F 56 -7.23 9.40 3.75
N CYS F 57 -7.21 10.47 4.53
CA CYS F 57 -8.24 11.48 4.39
C CYS F 57 -8.22 12.12 3.00
N GLU F 58 -7.02 12.40 2.48
CA GLU F 58 -6.93 13.01 1.15
C GLU F 58 -7.52 12.10 0.06
N ASN F 59 -7.30 10.81 0.18
CA ASN F 59 -7.74 9.88 -0.85
C ASN F 59 -9.24 9.54 -0.78
N ILE F 60 -9.85 9.65 0.40
CA ILE F 60 -11.26 9.36 0.53
C ILE F 60 -12.15 10.60 0.41
N ASP F 61 -11.57 11.79 0.48
CA ASP F 61 -12.36 13.00 0.45
C ASP F 61 -12.66 13.35 -1.00
N ASN F 62 -13.47 12.52 -1.66
CA ASN F 62 -13.92 12.84 -3.00
C ASN F 62 -15.26 12.19 -3.26
N GLU F 63 -15.89 12.61 -4.34
CA GLU F 63 -17.23 12.22 -4.66
C GLU F 63 -17.32 10.82 -5.30
N ASP F 64 -16.19 10.32 -5.85
CA ASP F 64 -16.21 9.04 -6.58
C ASP F 64 -16.07 7.80 -5.69
N ILE F 65 -15.55 7.96 -4.49
CA ILE F 65 -15.34 6.79 -3.65
C ILE F 65 -16.69 6.18 -3.25
N ILE F 66 -16.69 4.86 -3.17
CA ILE F 66 -17.86 4.10 -2.80
C ILE F 66 -17.64 3.66 -1.35
N ASN F 67 -18.48 4.25 -0.47
CA ASN F 67 -18.45 3.99 0.93
C ASN F 67 -19.23 2.75 1.32
N SER F 68 -18.60 1.86 2.06
CA SER F 68 -19.28 0.70 2.64
C SER F 68 -19.16 0.64 4.15
N ILE F 69 -18.74 1.73 4.80
N ILE F 69 -18.73 1.73 4.80
CA ILE F 69 -18.60 1.75 6.24
CA ILE F 69 -18.59 1.73 6.24
C ILE F 69 -19.95 1.43 6.87
C ILE F 69 -19.95 1.43 6.87
N GLY F 70 -19.95 0.45 7.78
CA GLY F 70 -21.20 -0.17 8.24
C GLY F 70 -21.45 -0.04 9.73
N ALA F 71 -20.88 0.99 10.35
CA ALA F 71 -21.09 1.25 11.78
C ALA F 71 -21.10 2.76 12.01
N ASP F 72 -22.02 3.22 12.84
CA ASP F 72 -22.20 4.64 13.03
C ASP F 72 -21.00 5.37 13.66
N SER F 73 -20.38 4.77 14.66
CA SER F 73 -19.29 5.46 15.33
C SER F 73 -18.08 5.63 14.40
N THR F 74 -17.90 4.69 13.49
CA THR F 74 -16.81 4.77 12.53
C THR F 74 -17.04 5.89 11.53
N ILE F 75 -18.28 6.06 11.08
CA ILE F 75 -18.67 7.18 10.25
C ILE F 75 -18.35 8.49 10.98
N GLN F 76 -18.75 8.58 12.24
CA GLN F 76 -18.54 9.82 13.01
C GLN F 76 -17.05 10.09 13.15
N LEU F 77 -16.26 9.05 13.43
CA LEU F 77 -14.83 9.22 13.57
C LEU F 77 -14.18 9.69 12.27
N ILE F 78 -14.45 9.04 11.16
CA ILE F 78 -13.78 9.45 9.92
C ILE F 78 -14.25 10.82 9.45
N ASN F 79 -15.52 11.16 9.67
CA ASN F 79 -15.99 12.49 9.30
C ASN F 79 -15.29 13.56 10.12
N SER F 80 -15.04 13.26 11.39
CA SER F 80 -14.31 14.18 12.27
C SER F 80 -12.84 14.30 11.84
N LEU F 81 -12.21 13.17 11.51
CA LEU F 81 -10.80 13.18 11.13
C LEU F 81 -10.55 13.83 9.77
N CYS F 82 -11.47 13.63 8.84
CA CYS F 82 -11.26 13.97 7.44
C CYS F 82 -12.10 15.16 6.93
N GLY F 83 -13.07 15.60 7.72
CA GLY F 83 -13.98 16.67 7.30
C GLY F 83 -14.97 16.27 6.25
N THR F 84 -15.25 14.98 6.16
CA THR F 84 -16.13 14.40 5.15
C THR F 84 -17.56 14.33 5.69
N THR F 85 -18.48 13.91 4.83
CA THR F 85 -19.89 13.80 5.19
C THR F 85 -20.48 12.44 4.80
N PHE F 86 -19.72 11.38 5.02
CA PHE F 86 -20.22 10.04 4.76
C PHE F 86 -21.37 9.72 5.68
N GLN F 87 -22.23 8.81 5.21
CA GLN F 87 -23.29 8.27 6.06
C GLN F 87 -23.11 6.75 6.05
N LYS F 88 -23.61 6.11 7.10
CA LYS F 88 -23.52 4.68 7.18
C LYS F 88 -24.13 4.03 5.93
N ASN F 89 -23.41 3.07 5.36
CA ASN F 89 -23.85 2.38 4.16
C ASN F 89 -23.32 0.94 4.21
N ARG F 90 -24.01 0.14 5.02
CA ARG F 90 -23.58 -1.21 5.30
C ARG F 90 -23.97 -2.15 4.16
N VAL F 91 -23.13 -2.18 3.15
CA VAL F 91 -23.35 -2.96 1.94
C VAL F 91 -22.16 -3.89 1.68
N GLU F 92 -22.37 -4.85 0.79
N GLU F 92 -22.37 -4.85 0.78
CA GLU F 92 -21.30 -5.74 0.34
CA GLU F 92 -21.30 -5.74 0.34
C GLU F 92 -20.62 -5.15 -0.86
C GLU F 92 -20.63 -5.14 -0.86
N ILE F 93 -19.31 -5.06 -0.84
CA ILE F 93 -18.53 -4.67 -2.02
C ILE F 93 -17.78 -5.88 -2.55
N LYS F 94 -17.40 -5.83 -3.82
CA LYS F 94 -16.58 -6.85 -4.44
C LYS F 94 -15.48 -6.17 -5.21
N LEU F 95 -14.25 -6.49 -4.87
CA LEU F 95 -13.07 -5.88 -5.46
C LEU F 95 -12.58 -6.61 -6.67
N GLU F 96 -12.19 -5.86 -7.67
CA GLU F 96 -11.62 -6.46 -8.89
C GLU F 96 -10.22 -5.83 -9.06
N LYS F 97 -9.43 -6.43 -9.92
CA LYS F 97 -8.18 -5.85 -10.39
C LYS F 97 -8.40 -4.41 -10.86
N GLU F 98 -7.48 -3.56 -10.50
CA GLU F 98 -7.44 -2.11 -10.80
C GLU F 98 -8.31 -1.31 -9.84
N ASP F 99 -9.13 -1.94 -9.00
CA ASP F 99 -9.87 -1.19 -7.99
C ASP F 99 -8.86 -0.92 -6.88
N LYS F 100 -9.16 0.07 -6.05
CA LYS F 100 -8.47 0.34 -4.82
C LYS F 100 -9.42 0.26 -3.65
N LEU F 101 -8.92 -0.15 -2.48
CA LEU F 101 -9.78 -0.10 -1.24
C LEU F 101 -9.01 0.59 -0.12
N TYR F 102 -9.65 1.52 0.53
CA TYR F 102 -9.15 2.16 1.73
C TYR F 102 -9.89 1.60 2.91
N VAL F 103 -9.15 1.19 3.94
CA VAL F 103 -9.72 0.64 5.15
C VAL F 103 -9.29 1.46 6.37
N VAL F 104 -10.27 1.77 7.22
CA VAL F 104 -10.02 2.25 8.56
C VAL F 104 -10.27 1.08 9.48
N GLN F 105 -9.21 0.73 10.19
CA GLN F 105 -9.00 -0.52 10.83
C GLN F 105 -8.79 -0.40 12.35
N ILE F 106 -9.45 -1.25 13.11
CA ILE F 106 -9.17 -1.31 14.53
C ILE F 106 -8.08 -2.33 14.74
N SER F 107 -7.06 -2.00 15.50
CA SER F 107 -5.85 -2.78 15.56
C SER F 107 -5.87 -3.60 16.85
N GLN F 108 -7.04 -4.09 17.25
CA GLN F 108 -7.13 -5.03 18.36
C GLN F 108 -8.37 -5.87 18.16
N ARG F 109 -8.35 -7.10 18.67
CA ARG F 109 -9.52 -7.94 18.61
C ARG F 109 -10.49 -7.52 19.69
N LEU F 110 -11.76 -7.44 19.33
CA LEU F 110 -12.81 -6.97 20.23
C LEU F 110 -13.65 -8.13 20.74
N GLU F 111 -14.50 -7.84 21.73
CA GLU F 111 -15.42 -8.86 22.20
C GLU F 111 -16.35 -9.29 21.08
N GLU F 112 -16.84 -10.51 21.17
CA GLU F 112 -17.80 -11.00 20.17
C GLU F 112 -18.98 -10.05 20.02
N GLY F 113 -19.29 -9.74 18.76
CA GLY F 113 -20.46 -8.95 18.42
C GLY F 113 -20.34 -7.48 18.73
N LYS F 114 -19.14 -7.03 19.09
CA LYS F 114 -18.95 -5.64 19.52
C LYS F 114 -19.32 -4.65 18.45
N ILE F 115 -20.16 -3.67 18.83
CA ILE F 115 -20.43 -2.49 18.01
C ILE F 115 -19.90 -1.34 18.87
N LEU F 116 -18.81 -0.73 18.42
CA LEU F 116 -18.17 0.32 19.22
C LEU F 116 -19.01 1.58 19.28
N THR F 117 -19.07 2.18 20.47
CA THR F 117 -19.69 3.48 20.65
C THR F 117 -18.66 4.54 20.21
N LEU F 118 -19.14 5.79 20.13
CA LEU F 118 -18.24 6.89 19.80
C LEU F 118 -17.14 7.05 20.84
N GLU F 119 -17.49 6.99 22.11
CA GLU F 119 -16.48 7.11 23.16
C GLU F 119 -15.42 6.01 23.04
N GLU F 120 -15.88 4.79 22.77
CA GLU F 120 -14.96 3.66 22.65
C GLU F 120 -14.02 3.82 21.46
N ILE F 121 -14.55 4.21 20.31
CA ILE F 121 -13.72 4.31 19.13
C ILE F 121 -12.77 5.51 19.22
N LEU F 122 -13.21 6.59 19.87
CA LEU F 122 -12.31 7.71 20.06
C LEU F 122 -11.14 7.32 20.98
N LYS F 123 -11.43 6.56 22.02
CA LYS F 123 -10.39 6.08 22.93
C LYS F 123 -9.39 5.19 22.20
N LEU F 124 -9.90 4.31 21.35
CA LEU F 124 -9.02 3.50 20.52
C LEU F 124 -8.17 4.37 19.61
N TYR F 125 -8.80 5.36 18.97
CA TYR F 125 -8.04 6.24 18.10
C TYR F 125 -6.91 6.96 18.86
N GLU F 126 -7.24 7.51 20.02
CA GLU F 126 -6.24 8.20 20.82
C GLU F 126 -5.15 7.26 21.36
N SER F 127 -5.41 5.95 21.41
N SER F 127 -5.42 5.97 21.39
CA SER F 127 -4.39 5.03 21.86
CA SER F 127 -4.48 4.96 21.86
C SER F 127 -3.59 4.36 20.74
C SER F 127 -3.61 4.35 20.74
N GLY F 128 -3.74 4.86 19.51
CA GLY F 128 -2.98 4.34 18.39
C GLY F 128 -3.55 3.10 17.77
N LYS F 129 -4.79 2.75 18.12
CA LYS F 129 -5.40 1.50 17.69
C LYS F 129 -6.41 1.66 16.56
N VAL F 130 -6.47 2.82 15.94
CA VAL F 130 -7.20 3.00 14.71
C VAL F 130 -6.17 3.37 13.65
N GLN F 131 -6.04 2.53 12.66
CA GLN F 131 -4.97 2.63 11.65
C GLN F 131 -5.59 2.59 10.27
N PHE F 132 -4.83 2.96 9.25
CA PHE F 132 -5.35 3.18 7.89
C PHE F 132 -4.57 2.39 6.88
N PHE F 133 -5.27 1.78 5.92
CA PHE F 133 -4.64 0.90 4.95
C PHE F 133 -5.19 1.11 3.57
N GLU F 134 -4.34 0.78 2.60
CA GLU F 134 -4.70 0.79 1.20
C GLU F 134 -4.47 -0.62 0.66
N ILE F 135 -5.47 -1.16 -0.04
CA ILE F 135 -5.46 -2.56 -0.44
C ILE F 135 -5.75 -2.65 -1.94
N ILE F 136 -4.94 -3.45 -2.65
CA ILE F 136 -5.26 -3.82 -4.01
C ILE F 136 -5.36 -5.27 -4.15
N VAL F 137 -6.06 -5.72 -5.17
CA VAL F 137 -6.21 -7.16 -5.52
C VAL F 137 -5.66 -7.48 -6.87
N ASP F 138 -5.28 -8.76 -7.01
CA ASP F 138 -4.78 -9.40 -8.25
C ASP F 138 -5.15 -10.91 -8.18
N ASN G 26 18.91 13.24 55.29
CA ASN G 26 18.17 13.54 54.02
C ASN G 26 19.13 14.01 52.94
N LYS G 27 19.18 13.27 51.86
CA LYS G 27 20.12 13.51 50.78
C LYS G 27 19.40 14.15 49.60
N VAL G 28 20.17 14.82 48.77
CA VAL G 28 19.66 15.46 47.59
C VAL G 28 20.57 15.05 46.44
N TYR G 29 19.94 14.63 45.35
CA TYR G 29 20.64 14.12 44.20
C TYR G 29 20.32 14.92 42.95
N LEU G 30 21.23 14.83 41.98
CA LEU G 30 21.05 15.44 40.67
C LEU G 30 21.21 14.32 39.62
N ALA G 31 20.30 14.28 38.64
CA ALA G 31 20.33 13.22 37.63
C ALA G 31 19.82 13.73 36.32
N ASN G 32 20.11 12.99 35.23
CA ASN G 32 19.63 13.36 33.90
C ASN G 32 18.40 12.56 33.47
N ALA G 33 17.78 11.87 34.43
CA ALA G 33 16.55 11.14 34.23
C ALA G 33 16.12 10.60 35.57
N PHE G 34 14.85 10.21 35.68
CA PHE G 34 14.42 9.38 36.80
C PHE G 34 14.43 7.92 36.34
N SER G 35 14.82 7.02 37.20
CA SER G 35 14.69 5.59 36.90
C SER G 35 14.07 4.87 38.08
N ILE G 36 13.25 3.87 37.78
CA ILE G 36 12.73 2.98 38.83
C ILE G 36 13.89 2.33 39.60
N ASN G 37 15.04 2.12 38.94
CA ASN G 37 16.21 1.57 39.58
C ASN G 37 16.82 2.45 40.68
N MET G 38 16.32 3.67 40.83
CA MET G 38 16.71 4.48 41.97
C MET G 38 15.98 4.14 43.25
N LEU G 39 14.91 3.36 43.16
CA LEU G 39 14.10 3.02 44.33
C LEU G 39 14.58 1.72 44.96
N THR G 40 14.42 1.61 46.28
CA THR G 40 14.93 0.48 47.05
C THR G 40 13.85 -0.39 47.70
N LYS G 41 12.64 0.13 47.79
CA LYS G 41 11.52 -0.51 48.47
C LYS G 41 10.26 -0.25 47.67
N PHE G 42 9.36 -1.23 47.66
CA PHE G 42 8.12 -1.16 46.94
C PHE G 42 7.01 -1.71 47.81
N PRO G 43 5.78 -1.19 47.69
CA PRO G 43 5.46 -0.05 46.83
C PRO G 43 6.01 1.27 47.36
N THR G 44 6.21 2.22 46.45
CA THR G 44 6.69 3.52 46.86
C THR G 44 5.94 4.59 46.07
N LYS G 45 5.80 5.75 46.73
CA LYS G 45 5.14 6.88 46.11
C LYS G 45 6.18 7.92 45.80
N VAL G 46 6.07 8.49 44.63
CA VAL G 46 7.05 9.46 44.15
C VAL G 46 6.22 10.69 43.76
N VAL G 47 6.60 11.85 44.28
CA VAL G 47 5.88 13.06 43.96
C VAL G 47 6.78 13.94 43.09
N ILE G 48 6.27 14.38 41.96
CA ILE G 48 7.08 15.01 40.93
C ILE G 48 6.52 16.39 40.64
N ASP G 49 7.39 17.41 40.66
CA ASP G 49 6.97 18.75 40.27
C ASP G 49 7.90 19.33 39.23
N LYS G 50 7.37 20.16 38.34
CA LYS G 50 8.13 20.88 37.34
C LYS G 50 8.56 22.22 37.91
N ILE G 51 9.83 22.56 37.75
CA ILE G 51 10.38 23.80 38.30
C ILE G 51 11.07 24.57 37.18
N ASP G 52 11.28 25.86 37.39
CA ASP G 52 11.94 26.65 36.34
C ASP G 52 13.46 26.60 36.50
N ARG G 53 14.16 27.13 35.51
CA ARG G 53 15.60 27.08 35.47
C ARG G 53 16.20 27.75 36.70
N LEU G 54 15.65 28.90 37.11
CA LEU G 54 16.24 29.58 38.24
C LEU G 54 16.19 28.74 39.52
N GLU G 55 15.03 28.16 39.79
CA GLU G 55 14.85 27.31 40.97
C GLU G 55 15.77 26.10 40.90
N PHE G 56 15.85 25.48 39.72
CA PHE G 56 16.73 24.33 39.50
C PHE G 56 18.18 24.74 39.83
N CYS G 57 18.65 25.80 39.19
CA CYS G 57 20.02 26.22 39.38
C CYS G 57 20.30 26.57 40.84
N GLU G 58 19.41 27.26 41.50
CA GLU G 58 19.62 27.62 42.90
C GLU G 58 19.72 26.41 43.81
N ASN G 59 18.95 25.38 43.52
CA ASN G 59 18.92 24.18 44.37
C ASN G 59 20.08 23.24 44.10
N ILE G 60 20.64 23.26 42.91
CA ILE G 60 21.79 22.39 42.61
C ILE G 60 23.13 23.06 42.82
N ASP G 61 23.16 24.39 42.94
CA ASP G 61 24.43 25.12 43.05
C ASP G 61 24.88 25.08 44.49
N ASN G 62 25.22 23.89 44.98
CA ASN G 62 25.78 23.76 46.31
C ASN G 62 26.62 22.50 46.36
N GLU G 63 27.39 22.41 47.41
CA GLU G 63 28.34 21.33 47.58
C GLU G 63 27.71 20.04 48.10
N ASP G 64 26.49 20.09 48.66
CA ASP G 64 25.85 18.92 49.26
C ASP G 64 25.12 18.02 48.26
N ILE G 65 24.72 18.56 47.12
CA ILE G 65 24.02 17.74 46.16
C ILE G 65 24.95 16.67 45.59
N ILE G 66 24.39 15.49 45.36
CA ILE G 66 25.13 14.34 44.87
C ILE G 66 24.84 14.19 43.38
N ASN G 67 25.85 14.44 42.55
CA ASN G 67 25.68 14.44 41.10
C ASN G 67 25.81 13.02 40.50
N SER G 68 24.80 12.63 39.71
CA SER G 68 24.88 11.38 38.96
C SER G 68 24.69 11.58 37.45
N ILE G 69 24.82 12.82 36.98
N ILE G 69 24.81 12.82 36.99
CA ILE G 69 24.60 13.09 35.56
CA ILE G 69 24.60 13.09 35.57
C ILE G 69 25.63 12.31 34.76
C ILE G 69 25.63 12.30 34.77
N GLY G 70 25.16 11.56 33.77
CA GLY G 70 25.97 10.50 33.11
C GLY G 70 26.16 10.74 31.62
N ALA G 71 26.10 12.00 31.19
CA ALA G 71 26.33 12.37 29.80
C ALA G 71 27.04 13.72 29.73
N ASP G 72 28.02 13.82 28.86
CA ASP G 72 28.84 15.03 28.83
C ASP G 72 28.09 16.30 28.42
N SER G 73 27.22 16.21 27.42
CA SER G 73 26.55 17.41 26.94
C SER G 73 25.62 17.98 28.00
N THR G 74 25.06 17.10 28.82
CA THR G 74 24.17 17.54 29.89
C THR G 74 24.94 18.28 30.97
N ILE G 75 26.12 17.78 31.32
CA ILE G 75 27.02 18.47 32.22
C ILE G 75 27.35 19.86 31.67
N GLN G 76 27.70 19.92 30.39
CA GLN G 76 28.07 21.22 29.78
C GLN G 76 26.90 22.18 29.82
N LEU G 77 25.71 21.69 29.52
CA LEU G 77 24.51 22.52 29.53
C LEU G 77 24.22 23.07 30.93
N ILE G 78 24.18 22.20 31.94
CA ILE G 78 23.83 22.72 33.25
C ILE G 78 24.91 23.63 33.82
N ASN G 79 26.18 23.34 33.53
CA ASN G 79 27.25 24.23 34.00
C ASN G 79 27.13 25.60 33.37
N SER G 80 26.73 25.65 32.09
CA SER G 80 26.52 26.92 31.41
C SER G 80 25.31 27.65 31.96
N LEU G 81 24.21 26.93 32.21
CA LEU G 81 22.99 27.56 32.72
C LEU G 81 23.09 28.03 34.15
N CYS G 82 23.82 27.28 34.97
CA CYS G 82 23.82 27.49 36.44
C CYS G 82 25.14 28.02 36.99
N GLY G 83 26.19 28.08 36.18
CA GLY G 83 27.51 28.55 36.63
C GLY G 83 28.20 27.56 37.56
N THR G 84 27.84 26.29 37.43
CA THR G 84 28.38 25.24 38.31
C THR G 84 29.60 24.60 37.64
N THR G 85 30.23 23.68 38.36
CA THR G 85 31.41 22.97 37.85
C THR G 85 31.31 21.46 38.03
N PHE G 86 30.12 20.92 37.78
CA PHE G 86 29.95 19.47 37.84
C PHE G 86 30.79 18.78 36.77
N GLN G 87 31.13 17.53 37.04
CA GLN G 87 31.76 16.68 36.03
C GLN G 87 30.88 15.45 35.85
N LYS G 88 31.00 14.82 34.69
CA LYS G 88 30.25 13.59 34.43
C LYS G 88 30.56 12.59 35.54
N ASN G 89 29.50 11.97 36.06
CA ASN G 89 29.62 10.98 37.14
C ASN G 89 28.51 9.95 36.97
N ARG G 90 28.73 9.06 36.01
CA ARG G 90 27.75 8.07 35.62
C ARG G 90 27.73 6.92 36.61
N VAL G 91 26.98 7.13 37.69
CA VAL G 91 26.90 6.16 38.78
C VAL G 91 25.42 5.85 39.05
N GLU G 92 25.21 4.75 39.79
N GLU G 92 25.22 4.75 39.78
CA GLU G 92 23.90 4.37 40.26
CA GLU G 92 23.89 4.37 40.24
C GLU G 92 23.63 5.06 41.59
C GLU G 92 23.62 5.04 41.58
N ILE G 93 22.48 5.70 41.70
CA ILE G 93 22.03 6.21 43.00
C ILE G 93 20.88 5.36 43.50
N LYS G 94 20.72 5.32 44.81
CA LYS G 94 19.60 4.63 45.44
C LYS G 94 19.03 5.58 46.48
N LEU G 95 17.76 5.91 46.29
CA LEU G 95 17.05 6.88 47.10
C LEU G 95 16.37 6.16 48.26
N GLU G 96 16.38 6.84 49.40
CA GLU G 96 15.59 6.44 50.55
C GLU G 96 14.45 7.41 50.76
N LYS G 97 13.53 7.04 51.64
CA LYS G 97 12.36 7.87 51.92
C LYS G 97 12.81 9.28 52.32
N GLU G 98 12.16 10.29 51.73
CA GLU G 98 12.40 11.70 51.97
C GLU G 98 13.65 12.26 51.32
N ASP G 99 14.35 11.43 50.53
CA ASP G 99 15.43 11.95 49.69
C ASP G 99 14.76 12.73 48.56
N LYS G 100 15.54 13.66 47.99
CA LYS G 100 15.08 14.53 46.95
C LYS G 100 15.99 14.36 45.74
N LEU G 101 15.40 14.51 44.57
CA LEU G 101 16.09 14.39 43.32
C LEU G 101 15.73 15.52 42.39
N TYR G 102 16.75 16.18 41.85
CA TYR G 102 16.57 17.16 40.80
C TYR G 102 16.97 16.52 39.50
N VAL G 103 16.09 16.67 38.51
CA VAL G 103 16.30 16.06 37.21
C VAL G 103 16.30 17.14 36.14
N VAL G 104 17.30 17.07 35.26
CA VAL G 104 17.25 17.79 34.00
C VAL G 104 16.93 16.77 32.94
N GLN G 105 15.81 17.04 32.28
CA GLN G 105 15.01 16.07 31.56
C GLN G 105 14.80 16.47 30.11
N ILE G 106 14.95 15.53 29.19
CA ILE G 106 14.62 15.79 27.81
C ILE G 106 13.18 15.44 27.60
N SER G 107 12.44 16.30 26.92
CA SER G 107 10.98 16.17 26.88
C SER G 107 10.61 15.65 25.51
N GLN G 108 11.36 14.69 25.02
CA GLN G 108 11.11 14.07 23.71
C GLN G 108 11.69 12.67 23.85
N ARG G 109 11.05 11.67 23.25
CA ARG G 109 11.68 10.37 23.13
C ARG G 109 12.67 10.44 21.97
N LEU G 110 13.86 9.91 22.17
CA LEU G 110 14.95 9.97 21.24
C LEU G 110 15.12 8.62 20.55
N GLU G 111 15.94 8.61 19.51
CA GLU G 111 16.25 7.37 18.83
C GLU G 111 16.96 6.42 19.82
N GLU G 112 16.85 5.14 19.59
CA GLU G 112 17.53 4.17 20.44
C GLU G 112 19.00 4.47 20.61
N GLY G 113 19.46 4.47 21.86
CA GLY G 113 20.87 4.66 22.19
C GLY G 113 21.42 6.07 21.96
N LYS G 114 20.53 7.03 21.73
CA LYS G 114 20.99 8.41 21.40
C LYS G 114 21.79 9.03 22.54
N ILE G 115 22.98 9.54 22.18
CA ILE G 115 23.79 10.34 23.06
C ILE G 115 23.84 11.74 22.43
N LEU G 116 23.22 12.70 23.09
CA LEU G 116 23.13 14.04 22.50
C LEU G 116 24.46 14.79 22.55
N THR G 117 24.78 15.46 21.46
CA THR G 117 25.92 16.39 21.43
C THR G 117 25.53 17.70 22.11
N LEU G 118 26.50 18.57 22.32
CA LEU G 118 26.22 19.88 22.89
C LEU G 118 25.31 20.69 21.99
N GLU G 119 25.57 20.68 20.67
CA GLU G 119 24.72 21.42 19.75
C GLU G 119 23.28 20.90 19.81
N GLU G 120 23.13 19.58 19.86
CA GLU G 120 21.80 18.99 19.89
C GLU G 120 21.06 19.33 21.18
N ILE G 121 21.72 19.24 22.32
CA ILE G 121 21.02 19.52 23.57
C ILE G 121 20.73 20.99 23.73
N LEU G 122 21.60 21.86 23.22
CA LEU G 122 21.30 23.29 23.25
C LEU G 122 20.09 23.62 22.39
N LYS G 123 19.98 22.99 21.22
CA LYS G 123 18.83 23.20 20.34
C LYS G 123 17.55 22.75 21.05
N LEU G 124 17.60 21.59 21.70
CA LEU G 124 16.45 21.13 22.46
C LEU G 124 16.13 22.11 23.57
N TYR G 125 17.14 22.58 24.30
CA TYR G 125 16.90 23.53 25.38
C TYR G 125 16.22 24.80 24.86
N GLU G 126 16.73 25.33 23.77
CA GLU G 126 16.15 26.55 23.21
C GLU G 126 14.78 26.34 22.62
N SER G 127 14.42 25.09 22.33
CA SER G 127 13.05 24.84 21.83
C SER G 127 12.08 24.39 22.91
N GLY G 128 12.44 24.53 24.17
CA GLY G 128 11.54 24.20 25.27
C GLY G 128 11.51 22.73 25.63
N LYS G 129 12.45 21.95 25.10
CA LYS G 129 12.43 20.49 25.28
C LYS G 129 13.44 19.98 26.32
N VAL G 130 14.05 20.88 27.08
CA VAL G 130 14.84 20.48 28.22
C VAL G 130 14.18 21.15 29.41
N GLN G 131 13.68 20.34 30.34
CA GLN G 131 12.85 20.83 31.43
C GLN G 131 13.44 20.33 32.75
N PHE G 132 13.00 20.91 33.85
CA PHE G 132 13.58 20.68 35.16
C PHE G 132 12.54 20.22 36.15
N PHE G 133 12.91 19.24 36.97
CA PHE G 133 11.96 18.66 37.91
C PHE G 133 12.57 18.43 39.25
N GLU G 134 11.69 18.49 40.27
CA GLU G 134 12.04 18.13 41.61
C GLU G 134 11.17 16.92 41.98
N ILE G 135 11.82 15.92 42.55
CA ILE G 135 11.12 14.66 42.92
C ILE G 135 11.39 14.37 44.39
N ILE G 136 10.35 13.99 45.11
CA ILE G 136 10.46 13.56 46.48
C ILE G 136 10.01 12.10 46.52
N VAL G 137 10.79 11.28 47.19
CA VAL G 137 10.44 9.87 47.39
C VAL G 137 9.63 9.75 48.69
N ASN H 26 13.79 -22.18 6.01
CA ASN H 26 13.11 -21.92 4.69
C ASN H 26 14.16 -21.50 3.68
N LYS H 27 14.25 -22.25 2.59
CA LYS H 27 15.20 -22.01 1.55
C LYS H 27 14.53 -21.35 0.35
N VAL H 28 15.36 -20.65 -0.41
CA VAL H 28 14.92 -19.99 -1.62
C VAL H 28 15.86 -20.41 -2.74
N TYR H 29 15.26 -20.81 -3.84
CA TYR H 29 16.00 -21.36 -4.97
C TYR H 29 15.76 -20.55 -6.23
N LEU H 30 16.70 -20.68 -7.16
CA LEU H 30 16.59 -20.09 -8.47
C LEU H 30 16.79 -21.19 -9.50
N ALA H 31 15.94 -21.25 -10.52
CA ALA H 31 16.01 -22.32 -11.53
C ALA H 31 15.56 -21.78 -12.87
N ASN H 32 15.88 -22.53 -13.92
CA ASN H 32 15.47 -22.17 -15.27
C ASN H 32 14.24 -22.95 -15.77
N ALA H 33 13.57 -23.64 -14.84
CA ALA H 33 12.34 -24.34 -15.09
C ALA H 33 11.82 -24.86 -13.77
N PHE H 34 10.56 -25.23 -13.71
CA PHE H 34 10.05 -26.07 -12.63
C PHE H 34 10.09 -27.52 -13.10
N SER H 35 10.45 -28.43 -12.24
CA SER H 35 10.35 -29.85 -12.55
C SER H 35 9.68 -30.60 -11.41
N ILE H 36 8.87 -31.60 -11.74
CA ILE H 36 8.30 -32.47 -10.71
C ILE H 36 9.41 -33.12 -9.90
N ASN H 37 10.58 -33.34 -10.50
CA ASN H 37 11.73 -33.88 -9.80
C ASN H 37 12.27 -33.00 -8.67
N MET H 38 11.79 -31.78 -8.54
CA MET H 38 12.10 -30.96 -7.40
C MET H 38 11.31 -31.29 -6.14
N LEU H 39 10.24 -32.08 -6.29
CA LEU H 39 9.37 -32.38 -5.16
C LEU H 39 9.81 -33.68 -4.49
N THR H 40 9.59 -33.76 -3.17
CA THR H 40 10.03 -34.91 -2.37
C THR H 40 8.92 -35.77 -1.79
N LYS H 41 7.71 -35.23 -1.75
CA LYS H 41 6.57 -35.86 -1.10
C LYS H 41 5.34 -35.57 -1.95
N PHE H 42 4.43 -36.55 -1.99
CA PHE H 42 3.22 -36.45 -2.79
C PHE H 42 2.06 -36.98 -1.96
N PRO H 43 0.86 -36.43 -2.13
CA PRO H 43 0.60 -35.29 -3.01
C PRO H 43 1.15 -33.97 -2.45
N THR H 44 1.40 -33.04 -3.34
CA THR H 44 1.88 -31.74 -2.94
C THR H 44 1.15 -30.66 -3.74
N LYS H 45 1.02 -29.51 -3.10
CA LYS H 45 0.39 -28.35 -3.73
C LYS H 45 1.45 -27.34 -4.01
N VAL H 46 1.37 -26.78 -5.19
CA VAL H 46 2.38 -25.81 -5.65
C VAL H 46 1.56 -24.58 -6.06
N VAL H 47 1.95 -23.41 -5.55
CA VAL H 47 1.26 -22.19 -5.90
C VAL H 47 2.22 -21.36 -6.74
N ILE H 48 1.76 -20.93 -7.91
CA ILE H 48 2.62 -20.31 -8.90
C ILE H 48 2.09 -18.94 -9.21
N ASP H 49 2.96 -17.93 -9.13
CA ASP H 49 2.58 -16.60 -9.54
C ASP H 49 3.57 -16.02 -10.54
N LYS H 50 3.10 -15.19 -11.45
CA LYS H 50 3.92 -14.48 -12.40
C LYS H 50 4.33 -13.14 -11.82
N ILE H 51 5.61 -12.82 -11.91
CA ILE H 51 6.15 -11.58 -11.36
C ILE H 51 6.88 -10.82 -12.47
N ASP H 52 7.09 -9.53 -12.26
CA ASP H 52 7.80 -8.76 -13.30
C ASP H 52 9.31 -8.82 -13.09
N ARG H 53 10.04 -8.30 -14.07
CA ARG H 53 11.48 -8.36 -14.05
C ARG H 53 12.04 -7.70 -12.79
N LEU H 54 11.51 -6.55 -12.42
CA LEU H 54 12.05 -5.84 -11.28
C LEU H 54 11.93 -6.65 -10.00
N GLU H 55 10.75 -7.20 -9.76
CA GLU H 55 10.51 -8.05 -8.59
C GLU H 55 11.42 -9.27 -8.60
N PHE H 56 11.55 -9.91 -9.76
CA PHE H 56 12.42 -11.07 -9.91
C PHE H 56 13.85 -10.69 -9.53
N CYS H 57 14.36 -9.64 -10.15
CA CYS H 57 15.74 -9.24 -9.91
C CYS H 57 15.97 -8.87 -8.45
N GLU H 58 15.04 -8.14 -7.85
CA GLU H 58 15.20 -7.75 -6.44
C GLU H 58 15.23 -8.96 -5.50
N ASN H 59 14.44 -9.99 -5.81
CA ASN H 59 14.36 -11.14 -4.94
C ASN H 59 15.52 -12.12 -5.12
N ILE H 60 16.14 -12.15 -6.29
CA ILE H 60 17.25 -13.07 -6.50
C ILE H 60 18.63 -12.40 -6.24
N ASP H 61 18.64 -11.08 -6.06
CA ASP H 61 19.88 -10.36 -5.68
C ASP H 61 20.18 -10.47 -4.19
N ILE H 65 19.96 -17.08 -1.79
CA ILE H 65 19.37 -17.84 -2.84
C ILE H 65 20.32 -18.93 -3.37
N ILE H 66 19.73 -20.08 -3.63
CA ILE H 66 20.47 -21.26 -4.08
C ILE H 66 20.24 -21.40 -5.58
N ASN H 67 21.29 -21.18 -6.36
CA ASN H 67 21.19 -21.17 -7.80
C ASN H 67 21.33 -22.57 -8.40
N SER H 68 20.37 -22.96 -9.23
CA SER H 68 20.45 -24.21 -9.99
C SER H 68 20.35 -23.99 -11.50
N ILE H 69 20.51 -22.76 -11.97
CA ILE H 69 20.38 -22.48 -13.40
C ILE H 69 21.43 -23.29 -14.14
N GLY H 70 21.00 -24.03 -15.16
CA GLY H 70 21.82 -25.08 -15.77
C GLY H 70 22.13 -24.87 -17.23
N ALA H 71 22.10 -23.62 -17.68
CA ALA H 71 22.43 -23.25 -19.05
C ALA H 71 23.14 -21.90 -19.05
N ASP H 72 24.19 -21.81 -19.85
CA ASP H 72 25.03 -20.62 -19.86
C ASP H 72 24.29 -19.35 -20.31
N SER H 73 23.48 -19.43 -21.36
CA SER H 73 22.84 -18.24 -21.87
C SER H 73 21.86 -17.66 -20.88
N THR H 74 21.24 -18.52 -20.09
CA THR H 74 20.29 -18.07 -19.08
C THR H 74 21.00 -17.33 -17.96
N ILE H 75 22.16 -17.83 -17.54
CA ILE H 75 23.01 -17.15 -16.58
C ILE H 75 23.37 -15.76 -17.13
N GLN H 76 23.80 -15.69 -18.38
CA GLN H 76 24.22 -14.41 -18.96
C GLN H 76 23.05 -13.45 -19.00
N LEU H 77 21.88 -13.94 -19.39
CA LEU H 77 20.70 -13.09 -19.46
C LEU H 77 20.32 -12.53 -18.08
N ILE H 78 20.20 -13.39 -17.07
CA ILE H 78 19.77 -12.86 -15.78
C ILE H 78 20.83 -11.95 -15.15
N ASN H 79 22.12 -12.25 -15.36
CA ASN H 79 23.15 -11.37 -14.83
C ASN H 79 23.09 -10.00 -15.47
N SER H 80 22.78 -9.96 -16.76
CA SER H 80 22.62 -8.70 -17.47
C SER H 80 21.38 -7.94 -17.00
N LEU H 81 20.26 -8.66 -16.82
CA LEU H 81 19.01 -8.00 -16.39
C LEU H 81 19.05 -7.51 -14.95
N CYS H 82 19.73 -8.26 -14.09
CA CYS H 82 19.66 -8.04 -12.66
C CYS H 82 20.92 -7.51 -12.00
N GLY H 83 22.03 -7.48 -12.74
CA GLY H 83 23.32 -7.05 -12.20
C GLY H 83 23.92 -8.03 -11.23
N THR H 84 23.55 -9.30 -11.37
CA THR H 84 24.03 -10.36 -10.47
C THR H 84 25.26 -11.02 -11.06
N THR H 85 25.86 -11.94 -10.29
CA THR H 85 27.06 -12.65 -10.73
C THR H 85 26.93 -14.16 -10.54
N PHE H 86 25.77 -14.70 -10.88
CA PHE H 86 25.59 -16.15 -10.83
C PHE H 86 26.48 -16.83 -11.85
N GLN H 87 26.81 -18.09 -11.57
CA GLN H 87 27.49 -18.95 -12.53
C GLN H 87 26.65 -20.17 -12.76
N LYS H 88 26.82 -20.80 -13.91
CA LYS H 88 26.09 -22.03 -14.21
C LYS H 88 26.32 -23.04 -13.08
N ASN H 89 25.24 -23.65 -12.61
CA ASN H 89 25.29 -24.63 -11.54
C ASN H 89 24.17 -25.66 -11.78
N ARG H 90 24.44 -26.56 -12.72
CA ARG H 90 23.46 -27.52 -13.17
C ARG H 90 23.37 -28.68 -12.18
N VAL H 91 22.58 -28.47 -11.12
CA VAL H 91 22.43 -29.42 -10.04
C VAL H 91 20.94 -29.73 -9.83
N GLU H 92 20.69 -30.80 -9.08
CA GLU H 92 19.34 -31.14 -8.65
C GLU H 92 19.02 -30.45 -7.36
N ILE H 93 17.88 -29.77 -7.33
CA ILE H 93 17.35 -29.25 -6.06
C ILE H 93 16.15 -30.10 -5.63
N LYS H 94 15.93 -30.15 -4.34
CA LYS H 94 14.80 -30.84 -3.76
C LYS H 94 14.18 -29.92 -2.74
N LEU H 95 12.94 -29.57 -3.00
CA LEU H 95 12.19 -28.59 -2.23
C LEU H 95 11.45 -29.29 -1.10
N GLU H 96 11.39 -28.61 0.02
CA GLU H 96 10.56 -29.00 1.14
C GLU H 96 9.42 -28.00 1.30
N LYS H 97 8.44 -28.38 2.11
CA LYS H 97 7.27 -27.52 2.32
C LYS H 97 7.72 -26.12 2.78
N GLU H 98 7.12 -25.10 2.17
CA GLU H 98 7.41 -23.69 2.43
C GLU H 98 8.70 -23.16 1.85
N ASP H 99 9.42 -23.99 1.09
CA ASP H 99 10.52 -23.49 0.26
C ASP H 99 9.93 -22.69 -0.88
N LYS H 100 10.71 -21.77 -1.41
CA LYS H 100 10.32 -20.88 -2.46
C LYS H 100 11.29 -21.03 -3.62
N LEU H 101 10.75 -20.86 -4.81
CA LEU H 101 11.51 -21.02 -6.04
C LEU H 101 11.21 -19.89 -6.99
N TYR H 102 12.26 -19.25 -7.50
CA TYR H 102 12.14 -18.27 -8.57
C TYR H 102 12.58 -18.95 -9.84
N VAL H 103 11.76 -18.77 -10.88
CA VAL H 103 12.02 -19.39 -12.16
C VAL H 103 12.08 -18.31 -13.24
N VAL H 104 13.12 -18.43 -14.08
CA VAL H 104 13.14 -17.70 -15.33
C VAL H 104 12.85 -18.72 -16.40
N GLN H 105 11.78 -18.44 -17.12
CA GLN H 105 10.99 -19.41 -17.86
C GLN H 105 10.85 -18.99 -19.32
N ILE H 106 11.02 -19.94 -20.23
CA ILE H 106 10.75 -19.69 -21.63
C ILE H 106 9.32 -20.02 -21.89
N SER H 107 8.61 -19.15 -22.58
CA SER H 107 7.16 -19.29 -22.71
C SER H 107 6.82 -19.86 -24.08
N GLN H 108 7.61 -20.80 -24.53
CA GLN H 108 7.38 -21.46 -25.81
C GLN H 108 7.97 -22.84 -25.69
N ARG H 109 7.34 -23.85 -26.30
CA ARG H 109 7.95 -25.16 -26.36
C ARG H 109 8.99 -25.11 -27.49
N LEU H 110 10.17 -25.63 -27.22
CA LEU H 110 11.30 -25.59 -28.13
C LEU H 110 11.49 -26.94 -28.78
N GLU H 111 12.33 -26.98 -29.82
CA GLU H 111 12.66 -28.22 -30.45
C GLU H 111 13.35 -29.14 -29.44
N GLU H 112 13.25 -30.44 -29.68
CA GLU H 112 13.88 -31.42 -28.80
C GLU H 112 15.34 -31.12 -28.59
N GLY H 113 15.74 -31.13 -27.31
CA GLY H 113 17.14 -31.01 -26.93
C GLY H 113 17.71 -29.60 -27.09
N LYS H 114 16.86 -28.61 -27.37
CA LYS H 114 17.35 -27.26 -27.65
C LYS H 114 18.13 -26.67 -26.48
N ILE H 115 19.32 -26.16 -26.78
CA ILE H 115 20.09 -25.37 -25.84
C ILE H 115 20.21 -24.00 -26.46
N LEU H 116 19.55 -23.01 -25.86
CA LEU H 116 19.52 -21.69 -26.45
C LEU H 116 20.85 -20.97 -26.29
N THR H 117 21.28 -20.32 -27.36
CA THR H 117 22.44 -19.44 -27.33
C THR H 117 22.04 -18.10 -26.73
N LEU H 118 23.02 -17.24 -26.47
CA LEU H 118 22.72 -15.91 -25.95
C LEU H 118 21.86 -15.11 -26.93
N GLU H 119 22.21 -15.15 -28.21
CA GLU H 119 21.43 -14.43 -29.21
C GLU H 119 19.97 -14.92 -29.23
N GLU H 120 19.80 -16.24 -29.15
CA GLU H 120 18.47 -16.81 -29.20
C GLU H 120 17.64 -16.44 -27.97
N ILE H 121 18.24 -16.51 -26.78
CA ILE H 121 17.48 -16.22 -25.58
C ILE H 121 17.19 -14.72 -25.48
N LEU H 122 18.10 -13.88 -25.96
CA LEU H 122 17.82 -12.45 -25.97
C LEU H 122 16.67 -12.11 -26.91
N LYS H 123 16.62 -12.76 -28.06
CA LYS H 123 15.52 -12.56 -29.02
C LYS H 123 14.19 -12.98 -28.38
N LEU H 124 14.19 -14.12 -27.70
CA LEU H 124 13.00 -14.52 -26.97
C LEU H 124 12.64 -13.50 -25.91
N TYR H 125 13.62 -13.04 -25.14
CA TYR H 125 13.34 -12.04 -24.11
C TYR H 125 12.72 -10.77 -24.71
N GLU H 126 13.29 -10.28 -25.80
CA GLU H 126 12.78 -9.07 -26.44
C GLU H 126 11.43 -9.29 -27.06
N SER H 127 11.03 -10.56 -27.32
CA SER H 127 9.70 -10.80 -27.87
C SER H 127 8.66 -11.18 -26.82
N GLY H 128 8.98 -11.01 -25.55
CA GLY H 128 8.02 -11.28 -24.47
C GLY H 128 7.93 -12.74 -24.08
N LYS H 129 8.87 -13.55 -24.53
CA LYS H 129 8.82 -15.00 -24.30
C LYS H 129 9.76 -15.50 -23.20
N VAL H 130 10.35 -14.60 -22.44
CA VAL H 130 11.07 -14.99 -21.23
C VAL H 130 10.34 -14.30 -20.09
N GLN H 131 9.80 -15.09 -19.19
CA GLN H 131 8.92 -14.61 -18.13
C GLN H 131 9.44 -15.11 -16.80
N PHE H 132 8.93 -14.51 -15.71
CA PHE H 132 9.46 -14.74 -14.37
C PHE H 132 8.37 -15.18 -13.43
N PHE H 133 8.69 -16.16 -12.58
CA PHE H 133 7.68 -16.73 -11.69
C PHE H 133 8.24 -16.96 -10.33
N GLU H 134 7.32 -16.95 -9.37
CA GLU H 134 7.59 -17.24 -8.00
C GLU H 134 6.71 -18.48 -7.66
N ILE H 135 7.29 -19.47 -7.03
CA ILE H 135 6.58 -20.72 -6.69
C ILE H 135 6.77 -20.99 -5.21
N ILE H 136 5.67 -21.33 -4.52
CA ILE H 136 5.71 -21.74 -3.14
C ILE H 136 5.23 -23.20 -3.11
N VAL H 137 5.95 -24.02 -2.37
CA VAL H 137 5.60 -25.40 -2.20
C VAL H 137 4.74 -25.55 -0.95
#